data_5N0Y
#
_entry.id   5N0Y
#
_cell.length_a   147.556
_cell.length_b   60.929
_cell.length_c   115.656
_cell.angle_alpha   90.00
_cell.angle_beta   124.69
_cell.angle_gamma   90.00
#
_symmetry.space_group_name_H-M   'C 1 2 1'
#
loop_
_entity.id
_entity.type
_entity.pdbx_description
1 polymer 'Protein-arginine deiminase type-4'
2 non-polymer 'SULFATE ION'
3 non-polymer 'CALCIUM ION'
4 non-polymer ~{N}-[(1~{S})-4-(2-fluoranylethanimidoylamino)-1-(4-methoxy-1-methyl-benzimidazol-2-yl)butyl]-3-oxidanylidene-1,2-dihydroisoindole-4-carboxamide
5 water water
#
_entity_poly.entity_id   1
_entity_poly.type   'polypeptide(L)'
_entity_poly.pdbx_seq_one_letter_code
;GPLGSPQMAQGTLIRVTPEQPTHAVCVLGTLTQLDICSSAPEDCTSFSINASPGVVVDIAHSPPAKKKSTGSSTWPLDPG
VEVTLTMKAASGSTGDQKVQISYYGPKTPPVKALLYLTAVEISLCADITRTGKVKPTRAVKDQRTWTWGPCGQGAILLVN
CDRDNLESSAMDCEDDEVLDSEDLQDMSLMTLSTKTPKDFFTNHTLVLHVARSEMDKVRVFQATRGKLSSKCSVVLGPKW
PSHYLMVPGGKHNMDFYVEALAFPDTDFPGLITLTISLLDTSNLELPEAVVFQDSVVFRVAPWIMTPNTQPPQEVYACSI
FENEDFLKSVTTLAMKAKCKLTICPEEENMDDQWMQDEMEIGYIQAPHKTLPVVFDSPRNRGLKEFPIKRVMGPDFGYVT
RGPQTGGISGLDSFGNLEVSPPVTVRGKEYPLGRILFGDSCYPSNDSRQMHQALQDFLSAQQVQAPVKLYSDWLSVGHVD
EFLSFVPAPDRKGFRLLLASPRSCYKLFQEQQNEGHGEALLFEGIKKKKQQKIKNILSNKTLREHNSFVERCIDWNRELL
KRELGLAESDIIDIPQLFKLKEFSKAEAFFPNMVNMLVLGKHLGIPKPFGPVINGRCCLEEKVCSLLEPLGLQCTFINDF
FTYHIRHGEVHCGTNVRRKPFSFKWWNMVP
;
_entity_poly.pdbx_strand_id   A
#
loop_
_chem_comp.id
_chem_comp.type
_chem_comp.name
_chem_comp.formula
8FQ non-polymer ~{N}-[(1~{S})-4-(2-fluoranylethanimidoylamino)-1-(4-methoxy-1-methyl-benzimidazol-2-yl)butyl]-3-oxidanylidene-1,2-dihydroisoindole-4-carboxamide 'C24 H27 F N6 O3'
CA non-polymer 'CALCIUM ION' 'Ca 2'
SO4 non-polymer 'SULFATE ION' 'O4 S -2'
#
# COMPACT_ATOMS: atom_id res chain seq x y z
N GLN A 10 -10.90 -26.68 14.37
CA GLN A 10 -10.11 -27.60 15.26
C GLN A 10 -10.63 -29.04 15.00
N GLY A 11 -10.95 -29.78 16.05
CA GLY A 11 -11.61 -31.05 15.94
C GLY A 11 -11.77 -31.55 17.35
N THR A 12 -12.95 -32.02 17.73
CA THR A 12 -13.11 -32.46 19.10
C THR A 12 -13.01 -33.96 19.26
N LEU A 13 -12.76 -34.36 20.50
CA LEU A 13 -12.76 -35.76 20.84
C LEU A 13 -13.89 -36.01 21.85
N ILE A 14 -14.77 -36.95 21.51
CA ILE A 14 -15.98 -37.26 22.29
C ILE A 14 -15.79 -38.63 22.96
N ARG A 15 -16.04 -38.64 24.27
CA ARG A 15 -15.74 -39.77 25.12
C ARG A 15 -17.10 -40.41 25.30
N VAL A 16 -17.21 -41.69 24.92
CA VAL A 16 -18.48 -42.42 25.03
C VAL A 16 -18.48 -43.40 26.20
N THR A 17 -19.67 -43.55 26.83
CA THR A 17 -19.81 -44.44 27.97
C THR A 17 -21.12 -45.24 28.00
N PRO A 18 -21.05 -46.53 28.37
CA PRO A 18 -22.29 -47.22 28.68
C PRO A 18 -23.02 -46.66 29.90
N GLU A 19 -22.28 -46.08 30.86
CA GLU A 19 -22.90 -45.37 32.03
C GLU A 19 -24.22 -44.60 31.67
N GLN A 20 -24.13 -43.60 30.80
CA GLN A 20 -25.33 -42.98 30.23
C GLN A 20 -25.02 -42.40 28.83
N PRO A 21 -26.06 -41.92 28.12
CA PRO A 21 -25.82 -41.42 26.79
C PRO A 21 -25.14 -40.06 26.87
N THR A 22 -24.24 -39.78 25.93
CA THR A 22 -23.66 -38.45 25.82
C THR A 22 -24.36 -37.61 24.72
N HIS A 23 -24.31 -36.28 24.87
CA HIS A 23 -24.90 -35.32 23.96
C HIS A 23 -23.84 -34.37 23.50
N ALA A 24 -23.78 -34.08 22.21
CA ALA A 24 -22.75 -33.21 21.68
C ALA A 24 -23.18 -32.50 20.41
N VAL A 25 -22.56 -31.34 20.17
CA VAL A 25 -22.67 -30.58 18.93
C VAL A 25 -21.48 -30.86 18.04
N CYS A 26 -21.72 -30.98 16.73
CA CYS A 26 -20.70 -31.18 15.72
C CYS A 26 -20.84 -30.11 14.67
N VAL A 27 -19.81 -29.28 14.53
CA VAL A 27 -19.88 -28.24 13.51
C VAL A 27 -19.41 -28.82 12.19
N LEU A 28 -20.17 -28.61 11.13
CA LEU A 28 -19.78 -29.11 9.79
C LEU A 28 -18.45 -28.53 9.33
N GLY A 29 -17.62 -29.39 8.73
CA GLY A 29 -16.24 -29.06 8.31
C GLY A 29 -15.21 -29.38 9.39
N THR A 30 -15.64 -29.96 10.49
CA THR A 30 -14.80 -30.20 11.63
C THR A 30 -14.54 -31.69 11.68
N LEU A 31 -13.38 -32.08 12.22
CA LEU A 31 -13.02 -33.47 12.47
C LEU A 31 -13.58 -33.84 13.85
N THR A 32 -14.44 -34.84 13.92
CA THR A 32 -14.99 -35.25 15.17
C THR A 32 -14.48 -36.66 15.39
N GLN A 33 -13.89 -36.93 16.55
CA GLN A 33 -13.39 -38.28 16.85
C GLN A 33 -13.97 -38.87 18.11
N LEU A 34 -13.88 -40.19 18.18
CA LEU A 34 -14.47 -40.94 19.27
C LEU A 34 -13.44 -41.67 20.09
N ASP A 35 -13.51 -41.46 21.40
CA ASP A 35 -12.85 -42.34 22.33
C ASP A 35 -13.85 -43.38 22.86
N ILE A 36 -13.57 -44.62 22.48
CA ILE A 36 -14.40 -45.76 22.75
C ILE A 36 -13.80 -46.61 23.84
N CYS A 37 -12.48 -46.59 24.01
CA CYS A 37 -11.85 -47.49 24.97
C CYS A 37 -11.85 -47.07 26.42
N SER A 38 -11.87 -45.77 26.69
CA SER A 38 -11.64 -45.29 28.07
C SER A 38 -12.70 -45.69 29.06
N SER A 39 -13.90 -45.99 28.58
CA SER A 39 -14.97 -46.43 29.46
C SER A 39 -15.66 -47.68 28.92
N ALA A 40 -14.96 -48.40 28.06
CA ALA A 40 -15.45 -49.65 27.56
C ALA A 40 -15.56 -50.53 28.75
N PRO A 41 -16.73 -51.13 28.97
CA PRO A 41 -16.81 -51.91 30.18
C PRO A 41 -15.90 -53.14 30.08
N GLU A 42 -15.50 -53.75 31.18
CA GLU A 42 -14.70 -54.99 31.09
C GLU A 42 -15.68 -56.14 30.75
N ASP A 43 -15.18 -57.38 30.63
CA ASP A 43 -15.88 -58.52 29.95
C ASP A 43 -15.62 -58.54 28.43
N CYS A 44 -15.17 -57.39 27.89
CA CYS A 44 -15.41 -57.04 26.50
C CYS A 44 -14.14 -56.97 25.69
N THR A 45 -14.25 -57.45 24.47
CA THR A 45 -13.18 -57.60 23.52
C THR A 45 -13.33 -56.71 22.30
N SER A 46 -14.57 -56.40 21.92
CA SER A 46 -14.85 -55.91 20.58
C SER A 46 -15.98 -54.90 20.59
N PHE A 47 -16.15 -54.24 19.45
CA PHE A 47 -17.17 -53.23 19.32
C PHE A 47 -17.66 -53.08 17.90
N SER A 48 -18.90 -52.61 17.82
CA SER A 48 -19.55 -52.31 16.56
C SER A 48 -20.13 -50.95 16.71
N ILE A 49 -20.28 -50.29 15.58
CA ILE A 49 -20.86 -49.00 15.54
C ILE A 49 -21.95 -49.04 14.53
N ASN A 50 -23.07 -48.47 14.94
CA ASN A 50 -24.17 -48.22 14.08
C ASN A 50 -24.51 -46.75 14.28
N ALA A 51 -24.94 -46.10 13.22
CA ALA A 51 -25.31 -44.71 13.27
C ALA A 51 -26.43 -44.46 12.31
N SER A 52 -27.20 -43.42 12.58
CA SER A 52 -28.20 -42.98 11.66
C SER A 52 -27.58 -42.48 10.33
N PRO A 53 -28.41 -42.38 9.27
CA PRO A 53 -27.95 -42.15 7.87
C PRO A 53 -27.19 -40.85 7.56
N GLY A 54 -27.45 -39.79 8.33
CA GLY A 54 -26.68 -38.54 8.21
C GLY A 54 -25.27 -38.51 8.83
N VAL A 55 -24.82 -39.62 9.43
CA VAL A 55 -23.50 -39.68 10.05
C VAL A 55 -22.64 -40.64 9.28
N VAL A 56 -21.45 -40.19 8.88
CA VAL A 56 -20.46 -41.02 8.23
C VAL A 56 -19.38 -41.40 9.21
N VAL A 57 -19.14 -42.71 9.34
CA VAL A 57 -18.21 -43.29 10.31
C VAL A 57 -16.97 -43.82 9.60
N ASP A 58 -15.79 -43.49 10.08
CA ASP A 58 -14.54 -44.02 9.49
C ASP A 58 -13.63 -44.66 10.51
N ILE A 59 -13.08 -45.82 10.15
CA ILE A 59 -12.24 -46.61 11.05
C ILE A 59 -10.94 -47.12 10.40
N ALA A 60 -9.79 -46.52 10.73
CA ALA A 60 -8.48 -47.04 10.29
C ALA A 60 -7.73 -47.75 11.44
N HIS A 61 -6.56 -48.35 11.15
CA HIS A 61 -5.74 -49.14 12.11
C HIS A 61 -6.40 -50.41 12.69
N SER A 73 -19.03 -54.78 9.20
CA SER A 73 -18.06 -55.51 10.02
C SER A 73 -17.80 -54.81 11.36
N THR A 74 -16.96 -55.43 12.21
CA THR A 74 -16.74 -55.01 13.59
C THR A 74 -15.27 -55.16 13.95
N TRP A 75 -14.83 -54.51 15.02
CA TRP A 75 -13.39 -54.32 15.33
C TRP A 75 -12.97 -54.71 16.73
N PRO A 76 -11.66 -54.95 16.93
CA PRO A 76 -11.15 -55.12 18.29
C PRO A 76 -11.12 -53.82 19.02
N LEU A 77 -10.90 -53.91 20.32
CA LEU A 77 -11.04 -52.80 21.21
C LEU A 77 -9.61 -52.35 21.58
N ASP A 78 -8.92 -51.85 20.57
CA ASP A 78 -7.55 -51.43 20.65
C ASP A 78 -7.54 -49.91 20.74
N PRO A 79 -6.89 -49.31 21.77
CA PRO A 79 -7.03 -47.84 21.87
C PRO A 79 -6.43 -47.08 20.69
N GLY A 80 -5.49 -47.68 19.98
CA GLY A 80 -4.90 -47.05 18.80
C GLY A 80 -5.79 -47.01 17.57
N VAL A 81 -6.90 -47.75 17.60
CA VAL A 81 -7.85 -47.77 16.47
C VAL A 81 -8.64 -46.46 16.38
N GLU A 82 -8.69 -45.86 15.19
CA GLU A 82 -9.23 -44.52 15.06
C GLU A 82 -10.63 -44.48 14.47
N VAL A 83 -11.56 -43.85 15.21
CA VAL A 83 -12.96 -43.70 14.82
C VAL A 83 -13.34 -42.22 14.64
N THR A 84 -13.80 -41.84 13.44
CA THR A 84 -14.16 -40.45 13.13
C THR A 84 -15.57 -40.32 12.58
N LEU A 85 -16.25 -39.23 12.92
CA LEU A 85 -17.63 -38.95 12.47
C LEU A 85 -17.64 -37.67 11.71
N THR A 86 -18.28 -37.69 10.56
CA THR A 86 -18.57 -36.45 9.87
C THR A 86 -20.05 -36.46 9.51
N MET A 87 -20.61 -35.26 9.43
CA MET A 87 -22.02 -35.14 9.28
C MET A 87 -22.31 -34.30 8.07
N LYS A 88 -23.26 -34.82 7.31
CA LYS A 88 -23.48 -34.38 5.94
C LYS A 88 -24.32 -33.14 5.89
N ALA A 89 -25.24 -32.95 6.81
CA ALA A 89 -26.05 -31.73 6.80
C ALA A 89 -26.38 -31.26 8.21
N ALA A 90 -26.76 -30.00 8.34
CA ALA A 90 -27.22 -29.48 9.59
C ALA A 90 -28.42 -30.25 10.10
N SER A 91 -28.55 -30.36 11.41
CA SER A 91 -29.72 -30.97 12.07
C SER A 91 -30.91 -30.06 11.95
N GLY A 92 -32.09 -30.67 11.75
CA GLY A 92 -33.39 -30.00 11.80
C GLY A 92 -33.84 -29.82 13.24
N SER A 93 -33.51 -30.78 14.10
CA SER A 93 -33.65 -30.58 15.52
C SER A 93 -32.55 -31.26 16.38
N THR A 94 -32.45 -30.78 17.61
CA THR A 94 -31.50 -31.23 18.60
C THR A 94 -31.42 -32.75 18.72
N GLY A 95 -30.22 -33.32 18.63
CA GLY A 95 -30.01 -34.75 18.80
C GLY A 95 -30.66 -35.62 17.73
N ASP A 96 -30.99 -35.06 16.56
CA ASP A 96 -31.65 -35.87 15.51
C ASP A 96 -30.77 -36.84 14.76
N GLN A 97 -29.49 -36.95 15.10
CA GLN A 97 -28.60 -37.96 14.54
C GLN A 97 -28.02 -38.72 15.75
N LYS A 98 -27.84 -40.03 15.61
CA LYS A 98 -27.50 -40.88 16.74
C LYS A 98 -26.40 -41.81 16.34
N VAL A 99 -25.61 -42.16 17.34
CA VAL A 99 -24.60 -43.14 17.15
C VAL A 99 -24.73 -44.10 18.30
N GLN A 100 -24.57 -45.37 17.97
CA GLN A 100 -24.71 -46.39 18.99
C GLN A 100 -23.49 -47.26 18.91
N ILE A 101 -22.80 -47.40 20.03
CA ILE A 101 -21.62 -48.23 20.08
C ILE A 101 -21.95 -49.43 20.91
N SER A 102 -21.59 -50.59 20.36
CA SER A 102 -21.92 -51.89 20.93
C SER A 102 -20.68 -52.63 21.35
N TYR A 103 -20.51 -52.79 22.67
CA TYR A 103 -19.39 -53.58 23.25
C TYR A 103 -19.75 -55.05 23.55
N TYR A 104 -18.95 -55.98 23.09
CA TYR A 104 -19.30 -57.37 23.34
C TYR A 104 -18.07 -58.22 23.46
N GLY A 105 -18.29 -59.43 23.98
CA GLY A 105 -17.21 -60.35 24.27
C GLY A 105 -17.59 -61.80 24.08
N PRO A 106 -16.63 -62.71 24.32
CA PRO A 106 -16.83 -64.15 24.14
C PRO A 106 -18.21 -64.66 24.60
N LYS A 107 -18.60 -64.34 25.82
CA LYS A 107 -19.84 -64.87 26.41
C LYS A 107 -20.58 -63.71 27.06
N THR A 108 -20.52 -62.55 26.43
CA THR A 108 -21.00 -61.34 27.04
C THR A 108 -22.05 -60.72 26.08
N PRO A 109 -23.28 -60.51 26.59
CA PRO A 109 -24.31 -59.94 25.74
C PRO A 109 -24.00 -58.48 25.50
N PRO A 110 -24.20 -57.98 24.25
CA PRO A 110 -23.81 -56.62 23.83
C PRO A 110 -24.30 -55.52 24.75
N VAL A 111 -23.49 -54.51 24.99
CA VAL A 111 -23.95 -53.36 25.76
C VAL A 111 -23.73 -52.14 24.88
N LYS A 112 -24.69 -51.24 24.96
CA LYS A 112 -24.81 -50.17 24.04
C LYS A 112 -24.44 -48.89 24.80
N ALA A 113 -23.67 -48.04 24.13
CA ALA A 113 -23.52 -46.68 24.53
C ALA A 113 -24.05 -45.83 23.39
N LEU A 114 -24.80 -44.80 23.77
CA LEU A 114 -25.52 -43.93 22.88
C LEU A 114 -24.88 -42.56 22.84
N LEU A 115 -24.87 -41.97 21.63
CA LEU A 115 -24.45 -40.62 21.44
C LEU A 115 -25.48 -39.91 20.58
N TYR A 116 -26.11 -38.88 21.16
CA TYR A 116 -26.99 -38.01 20.42
C TYR A 116 -26.22 -36.76 19.94
N LEU A 117 -26.18 -36.53 18.63
CA LEU A 117 -25.48 -35.42 18.07
C LEU A 117 -26.40 -34.47 17.40
N THR A 118 -26.08 -33.18 17.51
CA THR A 118 -26.70 -32.10 16.78
C THR A 118 -25.67 -31.46 15.83
N ALA A 119 -25.96 -31.44 14.53
CA ALA A 119 -25.04 -30.85 13.57
C ALA A 119 -25.42 -29.46 13.25
N VAL A 120 -24.45 -28.55 13.27
CA VAL A 120 -24.71 -27.19 12.81
C VAL A 120 -23.67 -26.65 11.81
N GLU A 121 -24.09 -25.67 11.00
CA GLU A 121 -23.23 -24.88 10.12
C GLU A 121 -22.91 -23.54 10.76
N ILE A 122 -21.61 -23.23 10.96
CA ILE A 122 -21.16 -21.88 11.35
C ILE A 122 -20.03 -21.41 10.39
N SER A 123 -20.32 -20.64 9.35
CA SER A 123 -19.27 -20.21 8.40
C SER A 123 -19.09 -18.75 8.53
N LEU A 124 -17.93 -18.35 8.98
CA LEU A 124 -17.56 -16.95 8.94
C LEU A 124 -16.85 -16.76 7.60
N CYS A 125 -17.39 -15.91 6.72
CA CYS A 125 -16.94 -15.86 5.31
C CYS A 125 -16.46 -14.49 4.94
N ALA A 126 -15.47 -14.42 4.06
CA ALA A 126 -14.94 -13.14 3.58
C ALA A 126 -14.33 -13.35 2.20
N ASP A 127 -13.94 -12.26 1.51
CA ASP A 127 -13.35 -12.39 0.16
C ASP A 127 -11.89 -12.90 0.08
N ILE A 128 -11.67 -14.15 0.53
CA ILE A 128 -10.31 -14.68 0.67
C ILE A 128 -9.62 -15.05 -0.65
N THR A 129 -10.36 -15.15 -1.75
CA THR A 129 -9.75 -15.39 -3.06
C THR A 129 -9.60 -14.08 -3.85
N ARG A 130 -9.98 -12.95 -3.26
CA ARG A 130 -9.69 -11.62 -3.80
C ARG A 130 -10.34 -11.37 -5.12
N THR A 131 -11.62 -11.71 -5.21
CA THR A 131 -12.39 -11.60 -6.43
C THR A 131 -13.65 -10.79 -6.29
N GLY A 132 -13.88 -10.11 -5.18
CA GLY A 132 -15.14 -9.34 -4.98
C GLY A 132 -16.38 -10.13 -4.55
N LYS A 133 -16.27 -11.47 -4.47
CA LYS A 133 -17.37 -12.35 -4.01
C LYS A 133 -17.12 -12.90 -2.59
N VAL A 134 -18.22 -13.12 -1.87
CA VAL A 134 -18.19 -13.74 -0.56
C VAL A 134 -19.16 -14.95 -0.56
N ARG A 144 -7.60 -19.38 8.47
CA ARG A 144 -6.27 -19.87 8.69
C ARG A 144 -5.31 -18.70 8.75
N THR A 145 -4.71 -18.37 7.60
CA THR A 145 -3.51 -17.58 7.51
C THR A 145 -3.63 -16.73 6.24
N TRP A 146 -2.77 -15.75 6.12
CA TRP A 146 -2.79 -14.85 4.97
C TRP A 146 -1.52 -15.10 4.17
N THR A 147 -1.64 -15.43 2.90
CA THR A 147 -0.44 -15.66 2.10
C THR A 147 -0.42 -14.82 0.84
N TRP A 148 0.76 -14.35 0.49
CA TRP A 148 0.99 -13.49 -0.70
C TRP A 148 1.02 -14.31 -1.98
N GLY A 149 0.77 -13.67 -3.11
CA GLY A 149 1.05 -14.27 -4.41
C GLY A 149 -0.19 -14.65 -5.17
N PRO A 150 -0.03 -15.04 -6.42
CA PRO A 150 -1.25 -15.30 -7.19
C PRO A 150 -1.87 -16.65 -6.81
N CYS A 151 -1.13 -17.51 -6.15
CA CYS A 151 -1.70 -18.72 -5.54
C CYS A 151 -1.90 -18.59 -4.03
N GLY A 152 -1.96 -17.38 -3.51
CA GLY A 152 -2.14 -17.22 -2.09
C GLY A 152 -3.60 -16.94 -1.80
N GLN A 153 -3.88 -16.75 -0.53
CA GLN A 153 -5.21 -16.67 0.00
C GLN A 153 -5.22 -15.65 1.14
N GLY A 154 -6.31 -14.91 1.22
CA GLY A 154 -6.66 -14.09 2.40
C GLY A 154 -7.24 -12.77 1.95
N ALA A 155 -8.22 -12.27 2.70
CA ALA A 155 -8.98 -11.11 2.27
C ALA A 155 -8.21 -9.84 2.49
N ILE A 156 -8.65 -8.78 1.79
CA ILE A 156 -8.05 -7.49 1.83
C ILE A 156 -8.98 -6.49 2.50
N LEU A 157 -8.39 -5.55 3.22
CA LEU A 157 -9.10 -4.52 3.95
C LEU A 157 -8.46 -3.16 3.73
N LEU A 158 -9.30 -2.14 3.49
CA LEU A 158 -8.83 -0.76 3.24
C LEU A 158 -8.89 0.04 4.49
N VAL A 159 -7.92 0.93 4.66
CA VAL A 159 -8.02 1.98 5.65
C VAL A 159 -9.03 2.99 5.09
N ASN A 160 -10.05 3.29 5.91
CA ASN A 160 -11.16 4.16 5.49
C ASN A 160 -10.78 5.60 5.82
N CYS A 161 -9.76 6.06 5.08
CA CYS A 161 -9.07 7.31 5.33
C CYS A 161 -9.51 8.47 4.38
N ASP A 162 -10.49 8.22 3.50
CA ASP A 162 -11.13 9.32 2.75
C ASP A 162 -12.23 10.02 3.59
N ARG A 163 -13.02 10.88 2.92
CA ARG A 163 -14.12 11.65 3.55
C ARG A 163 -15.28 11.73 2.55
N ASP A 164 -15.99 10.61 2.43
CA ASP A 164 -17.29 10.55 1.76
C ASP A 164 -18.37 11.47 2.43
N ASN A 165 -18.24 11.72 3.73
CA ASN A 165 -19.10 12.68 4.45
C ASN A 165 -18.84 14.16 4.00
N LEU A 166 -19.80 14.70 3.24
CA LEU A 166 -19.68 16.02 2.60
C LEU A 166 -19.75 17.16 3.61
N GLU A 167 -20.21 16.85 4.83
CA GLU A 167 -20.28 17.79 5.95
C GLU A 167 -18.91 18.14 6.52
N SER A 168 -18.35 17.27 7.38
CA SER A 168 -17.23 17.67 8.27
C SER A 168 -15.84 17.51 7.62
N SER A 169 -14.80 17.50 8.44
CA SER A 169 -13.40 17.55 7.98
C SER A 169 -12.53 16.36 8.48
N ALA A 170 -13.20 15.28 8.87
CA ALA A 170 -12.56 14.13 9.45
C ALA A 170 -12.62 12.99 8.46
N MET A 171 -11.58 12.15 8.49
CA MET A 171 -11.62 10.85 7.79
C MET A 171 -12.84 10.06 8.30
N ASP A 172 -13.56 9.42 7.39
CA ASP A 172 -14.71 8.56 7.76
C ASP A 172 -14.52 7.66 8.99
N CYS A 173 -13.31 7.11 9.17
CA CYS A 173 -13.05 6.07 10.20
C CYS A 173 -12.73 6.64 11.59
N GLU A 174 -12.74 7.97 11.74
CA GLU A 174 -12.51 8.54 13.09
C GLU A 174 -13.71 8.46 14.10
N ASP A 175 -14.93 8.25 13.66
CA ASP A 175 -16.09 8.16 14.57
C ASP A 175 -16.49 6.68 14.64
N ASP A 176 -17.58 6.41 15.39
CA ASP A 176 -18.17 5.06 15.54
C ASP A 176 -19.48 4.83 14.76
N GLU A 177 -19.62 5.45 13.59
CA GLU A 177 -20.84 5.33 12.78
C GLU A 177 -20.56 5.35 11.27
N VAL A 178 -21.49 4.76 10.51
CA VAL A 178 -21.55 4.83 9.06
C VAL A 178 -22.59 5.88 8.73
N LEU A 179 -22.13 7.07 8.32
CA LEU A 179 -23.00 8.22 8.09
C LEU A 179 -23.53 8.38 6.68
N ASP A 180 -22.91 7.75 5.67
CA ASP A 180 -23.41 7.75 4.30
C ASP A 180 -23.38 6.36 3.80
N SER A 181 -24.25 6.00 2.86
CA SER A 181 -24.28 4.60 2.39
C SER A 181 -23.17 4.29 1.40
N GLU A 182 -22.69 5.36 0.75
CA GLU A 182 -21.50 5.32 -0.09
C GLU A 182 -20.27 4.82 0.69
N ASP A 183 -20.12 5.27 1.94
CA ASP A 183 -19.05 4.87 2.83
C ASP A 183 -18.87 3.35 2.83
N LEU A 184 -19.97 2.60 2.77
CA LEU A 184 -19.87 1.13 2.74
C LEU A 184 -19.13 0.49 1.58
N GLN A 185 -19.00 1.20 0.47
CA GLN A 185 -18.24 0.73 -0.67
C GLN A 185 -16.77 0.63 -0.34
N ASP A 186 -16.32 1.45 0.60
CA ASP A 186 -14.95 1.40 1.04
C ASP A 186 -14.66 0.19 1.92
N MET A 187 -15.70 -0.41 2.53
CA MET A 187 -15.52 -1.39 3.59
C MET A 187 -15.54 -2.79 3.03
N SER A 188 -15.05 -3.74 3.80
CA SER A 188 -15.00 -5.14 3.40
C SER A 188 -16.19 -5.88 4.03
N LEU A 189 -16.83 -6.71 3.22
CA LEU A 189 -17.98 -7.50 3.62
C LEU A 189 -17.46 -8.78 4.20
N MET A 190 -18.01 -9.14 5.37
CA MET A 190 -17.79 -10.45 6.01
C MET A 190 -19.18 -11.00 6.34
N THR A 191 -19.46 -12.24 6.03
CA THR A 191 -20.80 -12.79 6.28
C THR A 191 -20.70 -14.00 7.19
N LEU A 192 -21.62 -14.06 8.14
CA LEU A 192 -21.79 -15.20 9.04
C LEU A 192 -23.01 -15.91 8.60
N SER A 193 -22.83 -17.18 8.43
CA SER A 193 -23.80 -17.96 7.81
C SER A 193 -24.06 -19.18 8.69
N THR A 194 -25.26 -19.24 9.25
CA THR A 194 -25.65 -20.33 10.16
C THR A 194 -26.79 -21.22 9.67
N LYS A 195 -26.68 -22.50 9.98
CA LYS A 195 -27.80 -23.40 9.85
C LYS A 195 -27.89 -24.29 11.09
N THR A 196 -28.99 -24.12 11.83
CA THR A 196 -29.22 -24.80 13.10
C THR A 196 -30.70 -25.16 13.28
N PRO A 197 -30.98 -26.05 14.25
CA PRO A 197 -32.35 -26.21 14.77
C PRO A 197 -32.92 -24.90 15.27
N LYS A 198 -34.22 -24.77 15.22
CA LYS A 198 -34.92 -23.53 15.61
C LYS A 198 -34.69 -23.07 17.00
N ASP A 199 -34.46 -24.00 17.93
CA ASP A 199 -34.18 -23.66 19.34
C ASP A 199 -32.71 -23.65 19.75
N PHE A 200 -31.81 -23.80 18.77
CA PHE A 200 -30.38 -23.95 19.10
C PHE A 200 -29.79 -22.88 20.01
N PHE A 201 -30.17 -21.63 19.79
CA PHE A 201 -29.58 -20.51 20.54
C PHE A 201 -30.28 -20.22 21.86
N THR A 202 -31.11 -21.17 22.28
CA THR A 202 -31.59 -21.33 23.64
C THR A 202 -30.42 -21.71 24.54
N ASN A 203 -29.63 -22.68 24.12
CA ASN A 203 -28.51 -23.22 24.91
C ASN A 203 -27.09 -22.88 24.42
N HIS A 204 -27.01 -22.16 23.31
CA HIS A 204 -25.71 -21.72 22.78
C HIS A 204 -25.73 -20.26 22.45
N THR A 205 -24.58 -19.65 22.47
CA THR A 205 -24.45 -18.26 22.05
C THR A 205 -23.13 -18.12 21.20
N LEU A 206 -23.21 -17.26 20.18
CA LEU A 206 -22.11 -16.88 19.33
C LEU A 206 -21.59 -15.53 19.74
N VAL A 207 -20.25 -15.45 19.84
CA VAL A 207 -19.56 -14.22 20.12
C VAL A 207 -18.51 -13.97 19.03
N LEU A 208 -18.43 -12.72 18.61
CA LEU A 208 -17.53 -12.28 17.58
C LEU A 208 -16.49 -11.46 18.32
N HIS A 209 -15.22 -11.67 17.98
CA HIS A 209 -14.22 -10.89 18.65
C HIS A 209 -12.93 -10.63 17.88
N VAL A 210 -12.14 -9.74 18.46
CA VAL A 210 -10.87 -9.35 17.93
C VAL A 210 -9.91 -9.15 19.09
N ALA A 211 -8.63 -9.48 18.91
CA ALA A 211 -7.67 -9.36 19.99
C ALA A 211 -7.56 -7.91 20.48
N ARG A 212 -7.32 -7.74 21.78
CA ARG A 212 -7.15 -6.40 22.31
C ARG A 212 -6.02 -5.63 21.63
N SER A 213 -4.99 -6.40 21.30
CA SER A 213 -3.86 -6.04 20.49
C SER A 213 -4.22 -5.35 19.19
N GLU A 214 -5.30 -5.74 18.55
CA GLU A 214 -5.65 -5.23 17.27
C GLU A 214 -6.94 -4.40 17.26
N MET A 215 -7.62 -4.27 18.39
CA MET A 215 -8.97 -3.61 18.40
C MET A 215 -8.95 -2.11 18.06
N ASP A 216 -7.86 -1.44 18.39
CA ASP A 216 -7.62 -0.08 18.00
C ASP A 216 -7.29 0.07 16.51
N LYS A 217 -7.27 -1.01 15.72
CA LYS A 217 -6.94 -0.91 14.28
C LYS A 217 -8.05 -1.29 13.31
N VAL A 218 -9.22 -1.64 13.83
CA VAL A 218 -10.28 -2.12 13.03
C VAL A 218 -11.59 -1.71 13.68
N ARG A 219 -12.62 -1.63 12.86
CA ARG A 219 -13.97 -1.34 13.35
C ARG A 219 -14.91 -2.15 12.50
N VAL A 220 -15.81 -2.87 13.15
CA VAL A 220 -16.74 -3.79 12.47
C VAL A 220 -18.18 -3.33 12.73
N PHE A 221 -18.99 -3.27 11.68
CA PHE A 221 -20.38 -2.85 11.75
C PHE A 221 -21.31 -3.98 11.41
N GLN A 222 -22.39 -4.13 12.18
CA GLN A 222 -23.44 -5.07 11.82
C GLN A 222 -24.47 -4.39 10.95
N ALA A 223 -24.81 -5.08 9.86
CA ALA A 223 -25.80 -4.65 8.90
C ALA A 223 -27.08 -5.49 9.10
N THR A 224 -28.12 -4.76 9.52
CA THR A 224 -29.36 -5.30 10.13
C THR A 224 -30.50 -5.36 9.10
N LYS A 231 -29.09 -0.08 7.36
CA LYS A 231 -28.68 0.28 8.72
C LYS A 231 -27.54 -0.57 9.35
N CYS A 232 -26.67 0.11 10.10
CA CYS A 232 -25.40 -0.41 10.52
C CYS A 232 -25.14 -0.02 11.90
N SER A 233 -24.70 -0.94 12.73
CA SER A 233 -24.24 -0.47 14.05
C SER A 233 -22.99 -1.19 14.50
N VAL A 234 -22.17 -0.44 15.20
CA VAL A 234 -20.88 -0.89 15.59
C VAL A 234 -21.05 -2.06 16.58
N VAL A 235 -20.33 -3.15 16.30
CA VAL A 235 -20.20 -4.28 17.18
C VAL A 235 -18.77 -4.49 17.64
N LEU A 236 -17.75 -4.20 16.82
CA LEU A 236 -16.37 -4.22 17.33
C LEU A 236 -15.60 -3.00 16.96
N GLY A 237 -14.62 -2.65 17.79
CA GLY A 237 -13.86 -1.48 17.48
C GLY A 237 -12.92 -1.20 18.63
N PRO A 238 -12.29 0.00 18.64
CA PRO A 238 -11.41 0.46 19.69
C PRO A 238 -11.98 0.34 21.07
N LYS A 239 -13.28 0.44 21.15
CA LYS A 239 -13.97 0.40 22.44
C LYS A 239 -14.40 -1.00 22.86
N TRP A 240 -14.83 -1.83 21.90
CA TRP A 240 -15.27 -3.17 22.19
C TRP A 240 -14.51 -4.26 21.40
N PRO A 241 -13.87 -5.18 22.12
CA PRO A 241 -13.20 -6.34 21.47
C PRO A 241 -14.00 -7.62 21.29
N SER A 242 -15.17 -7.70 21.90
CA SER A 242 -16.09 -8.84 21.69
C SER A 242 -17.56 -8.37 21.81
N HIS A 243 -18.44 -9.09 21.10
CA HIS A 243 -19.83 -8.79 21.02
C HIS A 243 -20.64 -10.04 20.95
N TYR A 244 -21.68 -10.11 21.80
CA TYR A 244 -22.61 -11.25 21.73
C TYR A 244 -23.50 -11.03 20.59
N LEU A 245 -23.62 -11.98 19.69
CA LEU A 245 -24.48 -11.83 18.53
C LEU A 245 -25.87 -12.33 18.83
N MET A 246 -26.86 -11.70 18.21
CA MET A 246 -28.28 -12.07 18.31
C MET A 246 -28.63 -12.82 17.08
N VAL A 247 -28.64 -14.14 17.16
CA VAL A 247 -28.87 -14.98 15.99
C VAL A 247 -30.07 -15.93 16.17
N PRO A 248 -30.96 -15.99 15.19
CA PRO A 248 -32.06 -16.94 15.27
C PRO A 248 -31.66 -18.34 14.84
N GLY A 249 -32.38 -19.34 15.37
CA GLY A 249 -32.26 -20.71 14.89
C GLY A 249 -32.73 -20.80 13.46
N GLY A 250 -32.46 -21.93 12.80
CA GLY A 250 -32.78 -22.11 11.37
C GLY A 250 -31.62 -21.67 10.48
N LYS A 251 -31.94 -21.27 9.26
CA LYS A 251 -31.03 -20.60 8.32
C LYS A 251 -30.98 -19.11 8.57
N HIS A 252 -29.76 -18.58 8.76
CA HIS A 252 -29.58 -17.15 8.87
C HIS A 252 -28.24 -16.71 8.24
N ASN A 253 -28.24 -15.46 7.73
CA ASN A 253 -27.09 -14.83 7.12
C ASN A 253 -27.01 -13.42 7.70
N MET A 254 -25.88 -13.10 8.28
CA MET A 254 -25.68 -11.85 8.94
C MET A 254 -24.43 -11.20 8.29
N ASP A 255 -24.63 -9.99 7.79
CA ASP A 255 -23.63 -9.27 7.00
C ASP A 255 -22.95 -8.32 7.96
N PHE A 256 -21.62 -8.26 7.89
CA PHE A 256 -20.86 -7.25 8.61
C PHE A 256 -20.01 -6.48 7.62
N TYR A 257 -19.69 -5.27 8.02
CA TYR A 257 -18.93 -4.40 7.18
C TYR A 257 -17.76 -3.98 8.01
N VAL A 258 -16.56 -4.10 7.43
CA VAL A 258 -15.27 -3.89 8.19
C VAL A 258 -14.44 -2.76 7.57
N GLU A 259 -13.89 -1.91 8.42
CA GLU A 259 -12.96 -0.87 7.99
C GLU A 259 -11.69 -0.95 8.84
N ALA A 260 -10.55 -0.63 8.25
CA ALA A 260 -9.33 -0.52 9.01
C ALA A 260 -9.15 0.94 9.27
N LEU A 261 -8.38 1.21 10.33
CA LEU A 261 -8.11 2.54 10.87
C LEU A 261 -6.62 2.91 10.94
N ALA A 262 -5.74 2.01 10.54
CA ALA A 262 -4.30 2.26 10.60
C ALA A 262 -3.65 1.52 9.43
N PHE A 263 -2.65 2.14 8.83
CA PHE A 263 -1.82 1.51 7.79
C PHE A 263 -0.79 0.60 8.42
N PRO A 264 -0.29 -0.37 7.67
CA PRO A 264 0.90 -1.07 8.14
C PRO A 264 1.98 -0.08 8.63
N ASP A 265 2.62 -0.37 9.72
CA ASP A 265 3.66 0.53 10.24
C ASP A 265 4.63 -0.25 11.10
N THR A 266 5.62 0.41 11.71
CA THR A 266 6.66 -0.27 12.49
C THR A 266 6.16 -1.26 13.53
N ASP A 267 5.11 -0.84 14.23
CA ASP A 267 4.45 -1.60 15.28
C ASP A 267 3.13 -2.32 14.84
N PHE A 268 2.87 -2.43 13.53
CA PHE A 268 1.68 -3.12 13.02
C PHE A 268 2.02 -3.80 11.71
N PRO A 269 2.23 -5.10 11.73
CA PRO A 269 2.56 -5.73 10.44
C PRO A 269 1.43 -5.69 9.40
N GLY A 270 0.20 -5.44 9.79
CA GLY A 270 -0.85 -5.21 8.81
C GLY A 270 -1.93 -6.24 8.75
N LEU A 271 -1.89 -7.21 9.68
CA LEU A 271 -2.88 -8.29 9.70
C LEU A 271 -3.84 -8.08 10.82
N ILE A 272 -5.10 -8.33 10.51
CA ILE A 272 -6.17 -8.27 11.46
C ILE A 272 -7.01 -9.52 11.38
N THR A 273 -7.17 -10.20 12.52
CA THR A 273 -7.87 -11.45 12.63
C THR A 273 -9.17 -11.17 13.40
N LEU A 274 -10.27 -11.67 12.88
CA LEU A 274 -11.56 -11.58 13.52
C LEU A 274 -12.04 -13.00 13.76
N THR A 275 -12.53 -13.27 14.94
CA THR A 275 -12.88 -14.65 15.31
C THR A 275 -14.35 -14.72 15.75
N ILE A 276 -14.95 -15.86 15.43
CA ILE A 276 -16.28 -16.26 15.90
C ILE A 276 -16.05 -17.44 16.82
N SER A 277 -16.66 -17.38 18.01
CA SER A 277 -16.61 -18.46 18.99
C SER A 277 -18.06 -18.89 19.32
N LEU A 278 -18.29 -20.21 19.33
CA LEU A 278 -19.53 -20.81 19.76
C LEU A 278 -19.39 -21.31 21.22
N LEU A 279 -20.32 -20.87 22.07
CA LEU A 279 -20.33 -21.17 23.51
C LEU A 279 -21.55 -21.99 23.90
N ASP A 280 -21.32 -23.01 24.73
CA ASP A 280 -22.37 -23.76 25.39
C ASP A 280 -22.78 -23.01 26.66
N THR A 281 -24.04 -22.60 26.73
CA THR A 281 -24.60 -21.83 27.86
C THR A 281 -25.75 -22.64 28.49
N SER A 282 -25.74 -23.95 28.30
CA SER A 282 -26.75 -24.87 28.79
C SER A 282 -26.95 -24.85 30.25
N ASN A 283 -25.85 -24.72 30.97
CA ASN A 283 -25.88 -24.92 32.39
C ASN A 283 -25.82 -23.59 33.05
N LEU A 284 -26.85 -23.30 33.84
CA LEU A 284 -27.08 -21.96 34.38
C LEU A 284 -26.18 -21.64 35.57
N GLU A 285 -25.62 -22.69 36.15
CA GLU A 285 -24.75 -22.66 37.32
C GLU A 285 -23.28 -22.53 36.92
N LEU A 286 -22.88 -23.18 35.82
CA LEU A 286 -21.51 -23.14 35.32
C LEU A 286 -21.17 -21.99 34.31
N PRO A 287 -19.90 -21.63 34.22
CA PRO A 287 -19.44 -20.71 33.17
C PRO A 287 -19.71 -21.22 31.79
N GLU A 288 -19.80 -20.32 30.85
CA GLU A 288 -19.91 -20.72 29.43
C GLU A 288 -18.67 -21.47 28.95
N ALA A 289 -18.88 -22.42 28.06
CA ALA A 289 -17.82 -23.34 27.63
C ALA A 289 -17.66 -23.30 26.11
N VAL A 290 -16.41 -23.14 25.64
CA VAL A 290 -16.13 -22.97 24.20
C VAL A 290 -16.19 -24.31 23.55
N VAL A 291 -16.88 -24.35 22.44
CA VAL A 291 -17.13 -25.54 21.66
C VAL A 291 -16.43 -25.51 20.30
N PHE A 292 -16.29 -24.33 19.69
CA PHE A 292 -15.87 -24.17 18.28
C PHE A 292 -15.36 -22.73 18.11
N GLN A 293 -14.25 -22.56 17.39
CA GLN A 293 -13.79 -21.23 16.96
C GLN A 293 -13.40 -21.31 15.53
N ASP A 294 -13.67 -20.24 14.79
CA ASP A 294 -13.14 -20.07 13.46
C ASP A 294 -12.78 -18.57 13.21
N SER A 295 -11.94 -18.29 12.20
CA SER A 295 -11.39 -16.95 11.99
C SER A 295 -11.33 -16.58 10.55
N VAL A 296 -11.27 -15.30 10.26
CA VAL A 296 -10.81 -14.85 9.00
C VAL A 296 -9.69 -13.88 9.28
N VAL A 297 -8.72 -13.85 8.37
CA VAL A 297 -7.56 -12.96 8.55
C VAL A 297 -7.57 -12.00 7.38
N PHE A 298 -7.57 -10.70 7.71
CA PHE A 298 -7.46 -9.63 6.73
C PHE A 298 -6.08 -9.05 6.71
N ARG A 299 -5.63 -8.66 5.51
CA ARG A 299 -4.49 -7.80 5.40
C ARG A 299 -4.94 -6.41 5.04
N VAL A 300 -4.35 -5.45 5.73
CA VAL A 300 -4.63 -4.06 5.43
C VAL A 300 -3.77 -3.65 4.25
N ALA A 301 -4.45 -3.03 3.29
CA ALA A 301 -3.82 -2.50 2.06
C ALA A 301 -2.78 -1.41 2.29
N PRO A 302 -1.60 -1.61 1.72
CA PRO A 302 -0.56 -0.57 1.82
C PRO A 302 -0.84 0.62 0.94
N TRP A 303 -0.29 1.76 1.37
CA TRP A 303 -0.14 2.95 0.56
C TRP A 303 0.94 2.73 -0.49
N ILE A 304 0.59 2.97 -1.76
CA ILE A 304 1.43 2.70 -2.90
C ILE A 304 1.55 3.94 -3.78
N MET A 305 2.78 4.26 -4.21
CA MET A 305 3.09 5.39 -5.11
C MET A 305 3.08 5.01 -6.57
N THR A 306 3.09 6.03 -7.42
CA THR A 306 3.01 5.84 -8.89
C THR A 306 4.15 6.60 -9.56
N PRO A 307 4.96 5.89 -10.33
CA PRO A 307 6.05 6.50 -11.07
C PRO A 307 5.59 7.34 -12.27
N ASN A 308 6.52 8.12 -12.78
CA ASN A 308 6.33 9.02 -13.90
C ASN A 308 5.89 8.32 -15.21
N THR A 309 6.11 7.01 -15.27
CA THR A 309 5.72 6.20 -16.39
C THR A 309 4.27 5.79 -16.37
N GLN A 310 3.54 6.14 -15.31
CA GLN A 310 2.12 5.83 -15.21
C GLN A 310 1.38 7.02 -15.80
N PRO A 311 0.34 6.73 -16.60
CA PRO A 311 -0.42 7.80 -17.26
C PRO A 311 -0.97 8.86 -16.28
N PRO A 312 -0.76 10.12 -16.56
CA PRO A 312 -1.23 11.22 -15.70
C PRO A 312 -2.75 11.38 -15.75
N GLN A 313 -3.35 11.95 -14.70
CA GLN A 313 -4.82 12.16 -14.60
C GLN A 313 -5.22 13.52 -14.09
N GLU A 314 -4.40 14.09 -13.22
CA GLU A 314 -4.69 15.39 -12.68
C GLU A 314 -3.36 16.07 -12.30
N VAL A 315 -3.27 17.39 -12.51
CA VAL A 315 -2.04 18.15 -12.28
C VAL A 315 -2.34 19.29 -11.32
N TYR A 316 -1.36 19.55 -10.45
CA TYR A 316 -1.44 20.52 -9.37
C TYR A 316 -0.35 21.58 -9.50
N ALA A 317 -0.67 22.79 -9.06
CA ALA A 317 0.26 23.90 -8.99
C ALA A 317 -0.31 25.06 -8.16
N CYS A 318 0.54 26.03 -7.90
CA CYS A 318 0.15 27.25 -7.22
C CYS A 318 0.15 28.41 -8.22
N SER A 319 -0.81 29.34 -8.04
CA SER A 319 -0.77 30.67 -8.65
C SER A 319 -0.21 31.58 -7.57
N ILE A 320 0.78 32.38 -7.92
CA ILE A 320 1.36 33.39 -7.00
C ILE A 320 1.59 34.69 -7.79
N PHE A 321 2.19 35.68 -7.15
CA PHE A 321 2.48 36.91 -7.86
C PHE A 321 3.47 36.72 -9.02
N GLU A 322 3.04 37.16 -10.20
CA GLU A 322 3.88 37.20 -11.41
C GLU A 322 4.28 35.85 -11.99
N ASN A 323 3.50 34.80 -11.72
CA ASN A 323 3.78 33.49 -12.32
C ASN A 323 2.80 33.04 -13.38
N GLU A 324 2.06 33.99 -13.96
CA GLU A 324 0.96 33.70 -14.91
C GLU A 324 1.38 32.89 -16.13
N ASP A 325 2.56 33.18 -16.64
CA ASP A 325 2.99 32.63 -17.93
C ASP A 325 3.49 31.19 -17.78
N PHE A 326 4.12 30.92 -16.63
CA PHE A 326 4.47 29.55 -16.20
C PHE A 326 3.17 28.71 -16.21
N LEU A 327 2.12 29.23 -15.54
CA LEU A 327 0.82 28.52 -15.50
C LEU A 327 0.15 28.25 -16.83
N LYS A 328 0.29 29.13 -17.82
CA LYS A 328 -0.29 28.86 -19.15
C LYS A 328 0.41 27.70 -19.85
N SER A 329 1.74 27.65 -19.72
CA SER A 329 2.51 26.57 -20.33
C SER A 329 2.14 25.26 -19.68
N VAL A 330 2.02 25.28 -18.34
CA VAL A 330 1.57 24.10 -17.59
C VAL A 330 0.14 23.73 -18.00
N THR A 331 -0.77 24.73 -18.06
CA THR A 331 -2.14 24.53 -18.57
C THR A 331 -2.16 23.91 -19.95
N THR A 332 -1.36 24.43 -20.88
CA THR A 332 -1.36 23.87 -22.25
C THR A 332 -1.03 22.38 -22.23
N LEU A 333 0.06 22.10 -21.51
CA LEU A 333 0.64 20.76 -21.41
C LEU A 333 -0.35 19.76 -20.76
N ALA A 334 -0.95 20.17 -19.64
CA ALA A 334 -2.06 19.40 -19.07
C ALA A 334 -3.12 19.08 -20.15
N MET A 335 -3.65 20.13 -20.79
CA MET A 335 -4.66 20.00 -21.87
C MET A 335 -4.21 18.95 -22.90
N LYS A 336 -2.96 19.03 -23.33
CA LYS A 336 -2.49 18.06 -24.32
C LYS A 336 -2.39 16.67 -23.75
N ALA A 337 -2.27 16.51 -22.43
CA ALA A 337 -2.19 15.18 -21.84
C ALA A 337 -3.53 14.65 -21.28
N LYS A 338 -4.61 15.39 -21.54
CA LYS A 338 -5.99 14.96 -21.22
C LYS A 338 -6.18 14.96 -19.70
N CYS A 339 -5.63 15.95 -19.02
CA CYS A 339 -5.60 15.89 -17.59
C CYS A 339 -6.40 16.96 -17.03
N LYS A 340 -7.12 16.63 -15.98
CA LYS A 340 -7.68 17.64 -15.13
C LYS A 340 -6.57 18.52 -14.61
N LEU A 341 -6.87 19.79 -14.41
CA LEU A 341 -5.96 20.71 -13.79
C LEU A 341 -6.58 21.27 -12.53
N THR A 342 -5.73 21.61 -11.56
CA THR A 342 -6.13 22.01 -10.22
C THR A 342 -5.07 22.95 -9.68
N ILE A 343 -5.50 24.15 -9.28
CA ILE A 343 -4.61 25.24 -8.91
C ILE A 343 -4.98 25.75 -7.55
N CYS A 344 -3.96 26.11 -6.79
CA CYS A 344 -4.13 26.56 -5.46
C CYS A 344 -3.79 28.05 -5.46
N PRO A 345 -4.81 28.89 -5.23
CA PRO A 345 -4.65 30.34 -5.33
C PRO A 345 -3.85 30.86 -4.14
N GLU A 346 -3.23 32.04 -4.28
CA GLU A 346 -2.32 32.58 -3.26
C GLU A 346 -2.94 32.82 -1.87
N GLU A 347 -4.28 32.95 -1.81
CA GLU A 347 -5.03 33.04 -0.52
C GLU A 347 -4.91 31.77 0.29
N GLU A 348 -4.78 30.63 -0.39
CA GLU A 348 -4.58 29.34 0.28
C GLU A 348 -3.09 29.01 0.40
N ASN A 349 -2.30 29.21 -0.68
CA ASN A 349 -0.81 28.96 -0.74
C ASN A 349 -0.12 29.55 0.47
N MET A 350 -0.52 30.77 0.82
CA MET A 350 0.21 31.59 1.76
C MET A 350 1.63 31.82 1.25
N ASP A 351 1.74 31.99 -0.08
CA ASP A 351 3.02 32.21 -0.84
C ASP A 351 3.93 31.00 -0.97
N ASP A 352 3.42 29.80 -0.69
CA ASP A 352 4.16 28.56 -0.84
C ASP A 352 3.84 28.06 -2.26
N GLN A 353 4.84 28.18 -3.15
CA GLN A 353 4.65 27.76 -4.57
C GLN A 353 5.09 26.31 -4.84
N TRP A 354 5.65 25.65 -3.82
CA TRP A 354 6.34 24.34 -4.00
C TRP A 354 5.37 23.18 -3.79
N MET A 355 4.51 23.00 -4.80
CA MET A 355 3.41 22.05 -4.74
C MET A 355 3.89 20.57 -4.71
N GLN A 356 5.12 20.35 -5.21
CA GLN A 356 5.82 19.07 -5.14
C GLN A 356 6.11 18.64 -3.71
N ASP A 357 6.33 19.61 -2.84
CA ASP A 357 7.02 19.31 -1.61
C ASP A 357 6.13 18.91 -0.42
N GLU A 358 4.87 19.33 -0.43
CA GLU A 358 4.04 19.16 0.74
C GLU A 358 3.29 17.84 0.65
N MET A 359 3.20 17.24 -0.54
CA MET A 359 2.39 16.03 -0.67
C MET A 359 2.85 15.03 -1.72
N GLU A 360 2.37 13.80 -1.61
CA GLU A 360 2.62 12.77 -2.64
C GLU A 360 1.36 11.97 -2.86
N ILE A 361 0.94 11.78 -4.11
CA ILE A 361 -0.35 11.16 -4.33
C ILE A 361 -0.11 9.73 -4.72
N GLY A 362 -0.58 8.83 -3.85
CA GLY A 362 -0.55 7.42 -4.06
C GLY A 362 -1.95 6.86 -4.15
N TYR A 363 -2.09 5.56 -3.94
CA TYR A 363 -3.39 4.95 -3.88
C TYR A 363 -3.38 3.79 -2.88
N ILE A 364 -4.59 3.30 -2.57
CA ILE A 364 -4.78 2.03 -1.93
C ILE A 364 -5.79 1.30 -2.74
N GLN A 365 -5.75 -0.02 -2.63
CA GLN A 365 -6.37 -0.89 -3.58
C GLN A 365 -6.83 -2.20 -2.93
N ALA A 366 -8.09 -2.51 -3.16
CA ALA A 366 -8.70 -3.78 -2.81
C ALA A 366 -9.59 -4.26 -3.98
N PRO A 367 -9.94 -5.57 -4.00
CA PRO A 367 -10.75 -6.11 -5.13
C PRO A 367 -12.03 -5.36 -5.38
N HIS A 368 -12.58 -4.75 -4.31
CA HIS A 368 -13.88 -4.09 -4.36
C HIS A 368 -13.79 -2.56 -4.52
N LYS A 369 -12.59 -2.02 -4.50
CA LYS A 369 -12.45 -0.57 -4.38
C LYS A 369 -10.96 -0.15 -4.42
N THR A 370 -10.68 0.87 -5.21
CA THR A 370 -9.37 1.44 -5.35
C THR A 370 -9.58 2.92 -5.21
N LEU A 371 -8.74 3.61 -4.47
CA LEU A 371 -8.87 5.04 -4.42
C LEU A 371 -7.54 5.73 -4.14
N PRO A 372 -7.38 6.96 -4.62
CA PRO A 372 -6.16 7.69 -4.45
C PRO A 372 -6.06 8.18 -3.02
N VAL A 373 -4.84 8.32 -2.51
CA VAL A 373 -4.62 8.74 -1.14
C VAL A 373 -3.40 9.64 -1.10
N VAL A 374 -3.53 10.76 -0.41
CA VAL A 374 -2.45 11.70 -0.34
C VAL A 374 -1.61 11.45 0.88
N PHE A 375 -0.31 11.40 0.69
CA PHE A 375 0.56 11.31 1.79
C PHE A 375 1.04 12.73 1.95
N ASP A 376 0.75 13.33 3.11
CA ASP A 376 0.95 14.72 3.42
C ASP A 376 2.22 14.80 4.26
N SER A 377 3.14 15.64 3.82
CA SER A 377 4.45 15.67 4.40
C SER A 377 4.38 16.51 5.65
N PRO A 378 5.16 16.16 6.66
CA PRO A 378 5.21 17.04 7.81
C PRO A 378 5.93 18.37 7.56
N ARG A 379 6.40 18.62 6.34
CA ARG A 379 6.91 19.93 5.93
C ARG A 379 6.14 21.11 6.58
N ASN A 380 4.83 21.13 6.39
CA ASN A 380 3.95 22.13 7.06
C ASN A 380 4.37 23.61 6.84
N ARG A 381 4.57 23.99 5.59
CA ARG A 381 4.74 25.40 5.26
C ARG A 381 3.38 25.94 4.77
N GLY A 382 3.37 27.02 4.00
CA GLY A 382 2.11 27.57 3.52
C GLY A 382 1.10 26.65 2.84
N LEU A 383 1.53 25.54 2.23
CA LEU A 383 0.55 24.63 1.61
C LEU A 383 -0.04 23.64 2.62
N LYS A 384 0.38 23.75 3.89
CA LYS A 384 -0.06 22.93 5.03
C LYS A 384 -1.51 22.42 4.98
N GLU A 385 -2.44 23.28 4.57
CA GLU A 385 -3.86 22.97 4.57
C GLU A 385 -4.34 22.26 3.34
N PHE A 386 -3.64 22.49 2.24
CA PHE A 386 -4.09 22.04 0.92
C PHE A 386 -4.47 20.55 0.86
N PRO A 387 -3.62 19.66 1.46
CA PRO A 387 -3.97 18.25 1.42
C PRO A 387 -5.23 17.91 2.24
N ILE A 388 -5.33 18.53 3.41
CA ILE A 388 -6.46 18.33 4.31
C ILE A 388 -7.75 18.89 3.68
N LYS A 389 -7.67 20.15 3.26
CA LYS A 389 -8.83 20.92 2.84
C LYS A 389 -9.29 20.56 1.44
N ARG A 390 -8.37 20.44 0.50
CA ARG A 390 -8.72 20.40 -0.91
C ARG A 390 -8.48 19.08 -1.62
N VAL A 391 -7.64 18.22 -1.08
CA VAL A 391 -7.31 16.95 -1.79
C VAL A 391 -8.10 15.77 -1.23
N MET A 392 -8.01 15.61 0.08
CA MET A 392 -8.82 14.65 0.80
C MET A 392 -10.30 14.99 0.55
N GLY A 393 -11.10 13.95 0.33
CA GLY A 393 -12.54 14.11 0.14
C GLY A 393 -13.20 12.83 -0.34
N PRO A 394 -14.34 12.97 -1.01
CA PRO A 394 -15.00 11.75 -1.47
C PRO A 394 -14.10 10.96 -2.38
N ASP A 395 -13.79 9.74 -2.00
CA ASP A 395 -12.94 8.86 -2.81
C ASP A 395 -11.49 9.37 -2.99
N PHE A 396 -11.05 10.18 -2.04
CA PHE A 396 -9.69 10.62 -1.97
C PHE A 396 -9.20 10.54 -0.52
N GLY A 397 -8.28 9.62 -0.27
CA GLY A 397 -7.77 9.35 1.09
C GLY A 397 -6.65 10.24 1.58
N TYR A 398 -6.40 10.15 2.88
CA TYR A 398 -5.39 10.97 3.53
C TYR A 398 -4.53 10.17 4.54
N VAL A 399 -3.22 10.49 4.61
CA VAL A 399 -2.30 9.90 5.59
C VAL A 399 -1.23 10.89 5.89
N THR A 400 -0.75 10.89 7.12
CA THR A 400 0.40 11.71 7.44
C THR A 400 1.32 11.03 8.48
N ARG A 401 2.59 11.37 8.45
CA ARG A 401 3.55 10.82 9.42
C ARG A 401 4.56 11.84 9.89
N GLY A 402 5.22 11.54 10.98
CA GLY A 402 6.29 12.42 11.50
C GLY A 402 5.73 13.56 12.34
N PRO A 403 6.62 14.32 13.02
CA PRO A 403 6.15 15.34 13.95
C PRO A 403 5.66 16.53 13.16
N GLN A 404 4.53 17.07 13.59
CA GLN A 404 3.84 18.15 12.88
C GLN A 404 4.28 19.55 13.31
N THR A 405 5.04 19.66 14.39
CA THR A 405 5.69 20.90 14.79
C THR A 405 7.15 20.58 15.12
N GLY A 406 8.05 20.97 14.24
CA GLY A 406 9.50 20.90 14.48
C GLY A 406 10.08 19.53 14.23
N GLY A 407 11.37 19.35 14.50
CA GLY A 407 12.04 18.04 14.41
C GLY A 407 12.27 17.46 13.01
N ILE A 408 12.11 18.32 12.01
CA ILE A 408 11.95 18.03 10.59
C ILE A 408 13.23 18.50 9.86
N SER A 409 13.36 18.20 8.57
CA SER A 409 14.42 18.77 7.76
C SER A 409 13.92 18.92 6.34
N GLY A 410 14.75 19.49 5.47
CA GLY A 410 14.39 19.62 4.05
C GLY A 410 14.17 18.27 3.41
N LEU A 411 14.94 17.28 3.85
CA LEU A 411 14.80 15.92 3.30
C LEU A 411 13.46 15.23 3.52
N ASP A 412 12.58 15.85 4.33
CA ASP A 412 11.20 15.38 4.55
C ASP A 412 10.19 15.91 3.57
N SER A 413 10.65 16.80 2.68
CA SER A 413 9.82 17.37 1.61
C SER A 413 9.75 16.37 0.45
N PHE A 414 8.60 16.29 -0.23
CA PHE A 414 8.34 15.14 -1.11
C PHE A 414 8.86 15.23 -2.54
N GLY A 415 9.61 16.26 -2.84
CA GLY A 415 10.48 16.20 -3.98
C GLY A 415 11.63 15.24 -3.69
N ASN A 416 11.81 14.90 -2.41
CA ASN A 416 12.78 13.87 -2.04
C ASN A 416 12.15 12.46 -1.86
N LEU A 417 10.90 12.28 -2.30
CA LEU A 417 10.23 11.01 -2.35
C LEU A 417 9.77 10.72 -3.78
N GLU A 418 10.34 9.69 -4.41
CA GLU A 418 10.04 9.28 -5.80
C GLU A 418 9.88 7.76 -5.82
N VAL A 419 9.63 7.16 -6.99
CA VAL A 419 9.48 5.70 -7.17
C VAL A 419 9.88 5.33 -8.60
N SER A 420 10.49 4.16 -8.78
CA SER A 420 10.92 3.73 -10.08
C SER A 420 9.77 3.10 -10.83
N PRO A 421 9.90 2.92 -12.14
CA PRO A 421 9.03 2.01 -12.85
C PRO A 421 9.19 0.57 -12.41
N PRO A 422 8.30 -0.34 -12.84
CA PRO A 422 8.49 -1.76 -12.54
C PRO A 422 9.85 -2.24 -13.00
N VAL A 423 10.52 -3.07 -12.21
CA VAL A 423 11.82 -3.63 -12.61
C VAL A 423 11.99 -5.00 -11.99
N THR A 424 12.88 -5.78 -12.56
CA THR A 424 13.20 -7.10 -12.07
C THR A 424 14.68 -7.06 -11.86
N VAL A 425 15.13 -7.50 -10.70
CA VAL A 425 16.50 -7.31 -10.30
C VAL A 425 17.05 -8.69 -9.97
N ARG A 426 17.88 -9.24 -10.83
CA ARG A 426 18.51 -10.55 -10.58
C ARG A 426 17.44 -11.58 -10.15
N GLY A 427 16.39 -11.67 -10.92
CA GLY A 427 15.37 -12.67 -10.67
C GLY A 427 14.17 -12.11 -9.94
N LYS A 428 14.41 -11.30 -8.89
CA LYS A 428 13.32 -10.77 -8.06
C LYS A 428 12.54 -9.63 -8.68
N GLU A 429 11.24 -9.82 -8.78
CA GLU A 429 10.35 -8.88 -9.49
C GLU A 429 9.85 -7.77 -8.51
N TYR A 430 9.95 -6.51 -8.94
CA TYR A 430 9.29 -5.37 -8.27
C TYR A 430 8.26 -4.81 -9.19
N PRO A 431 7.08 -5.44 -9.26
CA PRO A 431 6.11 -5.08 -10.27
C PRO A 431 5.48 -3.73 -10.06
N LEU A 432 5.69 -3.13 -8.89
CA LEU A 432 5.22 -1.73 -8.61
C LEU A 432 6.38 -0.72 -8.54
N GLY A 433 7.59 -1.18 -8.87
CA GLY A 433 8.78 -0.37 -8.78
C GLY A 433 9.25 -0.33 -7.35
N ARG A 434 10.21 0.55 -7.10
CA ARG A 434 10.80 0.68 -5.74
C ARG A 434 10.84 2.15 -5.44
N ILE A 435 10.38 2.51 -4.28
CA ILE A 435 10.46 3.87 -3.80
C ILE A 435 11.95 4.23 -3.63
N LEU A 436 12.25 5.49 -3.96
CA LEU A 436 13.57 6.05 -3.88
C LEU A 436 13.47 7.32 -3.05
N PHE A 437 14.39 7.48 -2.12
CA PHE A 437 14.45 8.70 -1.36
C PHE A 437 15.87 9.00 -0.95
N GLY A 438 16.17 10.28 -0.81
CA GLY A 438 17.52 10.73 -0.57
C GLY A 438 17.97 10.71 0.86
N ASP A 439 19.25 10.46 1.05
CA ASP A 439 19.91 10.43 2.34
C ASP A 439 21.37 10.99 2.26
N SER A 440 22.04 11.05 3.41
CA SER A 440 23.46 11.41 3.47
C SER A 440 24.21 10.12 3.26
N CYS A 441 25.52 10.13 3.01
N CYS A 441 25.52 10.23 3.04
CA CYS A 441 26.25 8.86 2.89
CA CYS A 441 26.43 9.08 2.90
C CYS A 441 26.57 8.23 4.27
C CYS A 441 26.59 8.31 4.22
N TYR A 442 26.59 9.04 5.33
CA TYR A 442 26.72 8.48 6.65
C TYR A 442 26.27 9.57 7.61
N PRO A 443 25.83 9.20 8.80
CA PRO A 443 25.33 10.21 9.71
C PRO A 443 26.47 10.97 10.46
N SER A 444 26.41 12.31 10.42
CA SER A 444 27.40 13.18 11.08
C SER A 444 26.64 14.28 11.79
N ASN A 445 27.34 15.21 12.42
CA ASN A 445 26.68 16.37 13.03
C ASN A 445 26.04 17.31 11.99
N ASP A 446 26.55 17.27 10.75
CA ASP A 446 26.12 18.16 9.70
C ASP A 446 25.24 17.49 8.65
N SER A 447 24.93 16.21 8.82
CA SER A 447 24.21 15.46 7.81
C SER A 447 22.74 15.62 8.08
N ARG A 448 21.94 15.52 7.03
CA ARG A 448 20.47 15.44 7.14
C ARG A 448 19.91 14.07 6.67
N GLN A 449 18.75 13.69 7.17
CA GLN A 449 18.04 12.48 6.74
C GLN A 449 16.55 12.74 6.70
N MET A 450 15.83 11.90 5.95
CA MET A 450 14.38 11.92 6.01
C MET A 450 14.09 11.32 7.37
N HIS A 451 13.05 11.82 8.00
CA HIS A 451 12.71 11.51 9.38
C HIS A 451 12.45 10.02 9.49
N GLN A 452 12.82 9.41 10.61
CA GLN A 452 12.74 7.96 10.73
C GLN A 452 11.29 7.42 10.63
N ALA A 453 10.35 8.24 11.06
CA ALA A 453 8.98 7.83 11.08
C ALA A 453 8.40 7.69 9.67
N LEU A 454 8.95 8.46 8.73
CA LEU A 454 8.59 8.39 7.34
C LEU A 454 9.22 7.20 6.72
N GLN A 455 10.49 7.00 7.06
CA GLN A 455 11.25 5.89 6.50
C GLN A 455 10.62 4.56 6.90
N ASP A 456 10.16 4.50 8.11
CA ASP A 456 9.65 3.27 8.69
C ASP A 456 8.29 3.01 8.04
N PHE A 457 7.49 4.06 7.91
CA PHE A 457 6.20 3.93 7.28
C PHE A 457 6.36 3.37 5.84
N LEU A 458 7.21 3.99 5.06
CA LEU A 458 7.46 3.54 3.69
C LEU A 458 7.92 2.09 3.59
N SER A 459 8.83 1.68 4.48
CA SER A 459 9.30 0.25 4.50
C SER A 459 8.21 -0.67 4.87
N ALA A 460 7.42 -0.28 5.85
CA ALA A 460 6.32 -1.14 6.31
C ALA A 460 5.22 -1.33 5.25
N GLN A 461 5.16 -0.50 4.21
CA GLN A 461 4.23 -0.76 3.11
C GLN A 461 4.66 -1.97 2.28
N GLN A 462 5.92 -2.39 2.46
CA GLN A 462 6.53 -3.58 1.84
C GLN A 462 6.69 -3.60 0.34
N VAL A 463 5.62 -3.35 -0.39
CA VAL A 463 5.52 -3.69 -1.82
C VAL A 463 6.33 -2.80 -2.78
N GLN A 464 6.92 -1.70 -2.30
CA GLN A 464 7.83 -0.92 -3.13
C GLN A 464 9.19 -0.76 -2.40
N ALA A 465 9.60 -1.78 -1.65
CA ALA A 465 10.91 -1.95 -1.01
C ALA A 465 11.84 -0.80 -1.21
N PRO A 466 11.79 0.20 -0.30
CA PRO A 466 12.51 1.44 -0.57
C PRO A 466 14.05 1.30 -0.77
N VAL A 467 14.63 2.21 -1.56
CA VAL A 467 16.07 2.36 -1.73
C VAL A 467 16.51 3.74 -1.32
N LYS A 468 17.49 3.80 -0.44
CA LYS A 468 18.13 5.05 -0.06
C LYS A 468 19.20 5.48 -1.07
N LEU A 469 19.08 6.71 -1.55
CA LEU A 469 20.04 7.30 -2.46
C LEU A 469 20.76 8.39 -1.68
N TYR A 470 21.81 8.93 -2.30
CA TYR A 470 22.62 9.99 -1.75
C TYR A 470 22.24 11.34 -2.38
N SER A 471 21.56 12.19 -1.62
CA SER A 471 21.12 13.51 -2.08
C SER A 471 21.56 14.71 -1.20
N ASP A 472 22.18 14.45 -0.06
CA ASP A 472 22.54 15.46 0.92
C ASP A 472 23.61 16.43 0.46
N TRP A 473 24.38 16.03 -0.54
CA TRP A 473 25.26 16.92 -1.27
C TRP A 473 24.57 18.13 -1.98
N LEU A 474 23.23 18.11 -2.13
CA LEU A 474 22.49 19.25 -2.73
C LEU A 474 22.04 20.22 -1.70
N SER A 475 22.07 21.48 -2.03
CA SER A 475 21.62 22.47 -1.09
C SER A 475 20.21 22.14 -0.58
N VAL A 476 19.28 21.89 -1.50
CA VAL A 476 17.90 21.60 -1.11
C VAL A 476 17.76 20.13 -0.63
N GLY A 477 18.44 19.23 -1.36
CA GLY A 477 18.68 17.88 -0.95
C GLY A 477 17.72 16.83 -1.49
N HIS A 478 17.22 16.98 -2.71
CA HIS A 478 16.11 16.14 -3.14
C HIS A 478 16.49 15.28 -4.32
N VAL A 479 16.08 14.02 -4.29
CA VAL A 479 16.38 13.15 -5.44
C VAL A 479 15.80 13.68 -6.77
N ASP A 480 14.68 14.45 -6.77
CA ASP A 480 14.17 15.03 -8.02
C ASP A 480 15.15 16.05 -8.63
N GLU A 481 16.10 16.53 -7.86
CA GLU A 481 17.08 17.43 -8.42
C GLU A 481 18.13 16.78 -9.31
N PHE A 482 18.22 15.46 -9.33
CA PHE A 482 19.22 14.83 -10.19
C PHE A 482 18.74 13.70 -10.99
N LEU A 483 17.57 13.13 -10.67
CA LEU A 483 17.01 12.10 -11.52
C LEU A 483 15.58 12.41 -11.94
N SER A 484 15.19 11.78 -13.03
CA SER A 484 13.77 11.64 -13.33
C SER A 484 13.62 10.42 -14.21
N PHE A 485 12.41 9.92 -14.40
CA PHE A 485 12.16 8.73 -15.26
C PHE A 485 11.16 9.15 -16.31
N VAL A 486 11.23 8.54 -17.52
CA VAL A 486 10.34 8.84 -18.66
C VAL A 486 10.00 7.54 -19.41
N PRO A 487 8.76 7.47 -19.97
CA PRO A 487 8.34 6.29 -20.78
C PRO A 487 9.18 6.18 -22.01
N ALA A 488 9.33 4.96 -22.49
CA ALA A 488 10.09 4.65 -23.68
C ALA A 488 9.40 3.48 -24.35
N PRO A 489 9.38 3.47 -25.69
CA PRO A 489 8.60 2.43 -26.33
C PRO A 489 9.34 1.10 -26.47
N ASP A 490 10.54 0.96 -25.94
CA ASP A 490 11.30 -0.25 -26.14
C ASP A 490 12.01 -0.59 -24.85
N ARG A 491 12.98 -1.51 -24.92
CA ARG A 491 13.79 -1.90 -23.80
C ARG A 491 12.83 -2.28 -22.65
N LYS A 492 12.98 -1.69 -21.47
CA LYS A 492 12.15 -2.00 -20.33
C LYS A 492 10.95 -1.07 -20.24
N GLY A 493 10.74 -0.18 -21.19
CA GLY A 493 9.57 0.70 -21.09
C GLY A 493 9.88 2.08 -20.61
N PHE A 494 11.14 2.38 -20.32
CA PHE A 494 11.47 3.65 -19.72
C PHE A 494 12.92 3.96 -19.92
N ARG A 495 13.26 5.20 -19.63
CA ARG A 495 14.65 5.56 -19.41
C ARG A 495 14.76 6.32 -18.10
N LEU A 496 15.88 6.07 -17.38
CA LEU A 496 16.31 6.86 -16.25
C LEU A 496 17.05 8.04 -16.83
N LEU A 497 16.67 9.25 -16.46
CA LEU A 497 17.39 10.45 -16.81
C LEU A 497 18.18 10.85 -15.57
N LEU A 498 19.46 11.20 -15.75
CA LEU A 498 20.33 11.73 -14.70
C LEU A 498 20.96 13.03 -15.15
N ALA A 499 21.01 14.04 -14.29
CA ALA A 499 21.81 15.23 -14.59
C ALA A 499 23.30 14.84 -14.79
N SER A 500 24.00 15.54 -15.69
CA SER A 500 25.37 15.19 -16.13
C SER A 500 26.18 16.41 -16.53
N PRO A 501 27.05 16.88 -15.63
CA PRO A 501 28.04 17.87 -16.00
C PRO A 501 28.87 17.44 -17.17
N ARG A 502 29.32 16.18 -17.18
CA ARG A 502 30.14 15.66 -18.24
C ARG A 502 29.54 15.97 -19.59
N SER A 503 28.24 15.75 -19.68
CA SER A 503 27.51 15.91 -20.94
C SER A 503 27.47 17.36 -21.37
N CYS A 504 27.41 18.26 -20.41
CA CYS A 504 27.36 19.66 -20.75
C CYS A 504 28.76 20.17 -21.17
N TYR A 505 29.82 19.74 -20.48
CA TYR A 505 31.18 20.07 -20.89
C TYR A 505 31.47 19.54 -22.28
N LYS A 506 31.09 18.31 -22.53
CA LYS A 506 31.28 17.82 -23.86
C LYS A 506 30.48 18.64 -24.93
N LEU A 507 29.22 18.99 -24.64
CA LEU A 507 28.43 19.76 -25.60
C LEU A 507 29.13 21.09 -25.92
N PHE A 508 29.42 21.84 -24.87
CA PHE A 508 30.03 23.14 -24.94
C PHE A 508 31.44 23.13 -25.62
N GLN A 509 32.23 22.11 -25.29
CA GLN A 509 33.53 21.96 -25.90
C GLN A 509 33.33 21.71 -27.38
N GLU A 510 32.35 20.88 -27.74
CA GLU A 510 32.07 20.63 -29.13
C GLU A 510 31.78 21.94 -29.84
N GLN A 511 30.85 22.72 -29.33
CA GLN A 511 30.53 24.02 -29.92
C GLN A 511 31.79 24.92 -30.09
N GLN A 512 32.63 25.03 -29.07
CA GLN A 512 33.86 25.83 -29.20
C GLN A 512 34.70 25.26 -30.34
N ASN A 513 34.87 23.96 -30.37
CA ASN A 513 35.53 23.33 -31.49
C ASN A 513 34.95 23.74 -32.85
N GLU A 514 33.65 23.79 -33.05
CA GLU A 514 33.11 24.21 -34.36
C GLU A 514 32.91 25.72 -34.56
N GLY A 515 33.43 26.55 -33.64
CA GLY A 515 33.56 27.99 -33.86
C GLY A 515 32.78 28.92 -32.96
N HIS A 516 32.05 28.36 -32.02
CA HIS A 516 31.06 29.14 -31.33
C HIS A 516 31.47 29.44 -29.92
N GLY A 517 32.78 29.44 -29.64
CA GLY A 517 33.25 29.76 -28.25
C GLY A 517 32.78 31.08 -27.73
N GLU A 518 32.43 31.95 -28.65
CA GLU A 518 31.90 33.28 -28.34
C GLU A 518 30.42 33.27 -27.83
N ALA A 519 29.70 32.16 -28.06
CA ALA A 519 28.26 32.08 -27.77
C ALA A 519 27.94 32.22 -26.28
N LEU A 520 26.82 32.86 -25.96
CA LEU A 520 26.53 33.30 -24.60
C LEU A 520 25.49 32.48 -23.83
N LEU A 521 25.87 32.03 -22.64
CA LEU A 521 24.88 31.43 -21.76
C LEU A 521 24.14 32.57 -21.12
N PHE A 522 22.83 32.40 -20.96
CA PHE A 522 21.92 33.42 -20.44
C PHE A 522 21.46 34.44 -21.53
N GLU A 523 21.76 34.16 -22.81
CA GLU A 523 21.14 34.88 -23.94
C GLU A 523 19.60 34.79 -23.82
N GLY A 524 18.94 35.94 -23.96
CA GLY A 524 17.51 36.05 -23.71
C GLY A 524 17.16 36.49 -22.29
N ILE A 525 18.13 36.75 -21.41
CA ILE A 525 17.80 37.24 -20.03
C ILE A 525 18.41 38.58 -19.58
N LYS A 526 17.48 39.44 -19.08
CA LYS A 526 17.71 40.80 -18.57
C LYS A 526 17.90 40.88 -17.04
N LYS A 527 18.95 41.59 -16.63
CA LYS A 527 19.54 41.55 -15.28
C LYS A 527 20.19 40.20 -15.02
N LYS A 528 20.92 39.73 -16.02
CA LYS A 528 21.74 38.54 -15.85
C LYS A 528 22.99 38.59 -16.74
N LYS A 529 24.16 38.42 -16.09
CA LYS A 529 25.46 38.59 -16.73
C LYS A 529 25.77 37.40 -17.60
N GLN A 530 25.67 37.62 -18.92
CA GLN A 530 25.98 36.60 -19.91
C GLN A 530 27.41 36.03 -19.75
N GLN A 531 27.66 34.78 -20.16
CA GLN A 531 29.02 34.22 -20.12
C GLN A 531 29.25 33.44 -21.36
N LYS A 532 30.43 33.57 -21.92
CA LYS A 532 30.74 32.89 -23.16
C LYS A 532 31.14 31.47 -22.86
N ILE A 533 30.84 30.59 -23.80
CA ILE A 533 31.25 29.20 -23.75
C ILE A 533 32.73 29.03 -23.39
N LYS A 534 33.58 29.85 -23.99
CA LYS A 534 35.02 29.72 -23.83
C LYS A 534 35.41 30.03 -22.39
N ASN A 535 34.73 30.97 -21.73
CA ASN A 535 35.12 31.32 -20.36
C ASN A 535 34.57 30.30 -19.37
N ILE A 536 33.46 29.66 -19.73
CA ILE A 536 32.88 28.60 -18.94
C ILE A 536 33.80 27.40 -18.99
N LEU A 537 34.22 26.98 -20.19
CA LEU A 537 35.19 25.84 -20.33
C LEU A 537 36.54 26.09 -19.62
N SER A 538 36.98 27.32 -19.56
CA SER A 538 38.24 27.62 -18.93
C SER A 538 38.09 27.98 -17.48
N ASN A 539 36.89 27.98 -16.89
CA ASN A 539 36.78 28.33 -15.47
C ASN A 539 37.03 27.07 -14.64
N LYS A 540 38.11 27.14 -13.87
CA LYS A 540 38.71 25.97 -13.25
C LYS A 540 38.06 25.56 -11.92
N THR A 541 37.58 26.53 -11.14
CA THR A 541 36.80 26.31 -9.95
C THR A 541 35.47 25.65 -10.31
N LEU A 542 34.72 26.31 -11.20
CA LEU A 542 33.52 25.75 -11.79
C LEU A 542 33.74 24.32 -12.24
N ARG A 543 34.84 24.03 -12.92
CA ARG A 543 35.09 22.68 -13.38
C ARG A 543 35.39 21.70 -12.19
N GLU A 544 36.05 22.22 -11.18
CA GLU A 544 36.30 21.47 -9.99
C GLU A 544 34.97 21.11 -9.21
N HIS A 545 34.12 22.10 -9.00
CA HIS A 545 32.81 21.92 -8.43
C HIS A 545 31.98 20.86 -9.17
N ASN A 546 31.99 20.95 -10.47
CA ASN A 546 31.26 20.00 -11.25
C ASN A 546 31.89 18.61 -11.24
N SER A 547 33.20 18.53 -11.08
CA SER A 547 33.83 17.22 -10.87
C SER A 547 33.33 16.54 -9.61
N PHE A 548 33.17 17.32 -8.55
CA PHE A 548 32.70 16.79 -7.30
C PHE A 548 31.23 16.34 -7.42
N VAL A 549 30.43 17.19 -8.05
CA VAL A 549 29.03 16.83 -8.36
C VAL A 549 28.96 15.58 -9.18
N GLU A 550 29.78 15.52 -10.22
CA GLU A 550 29.89 14.33 -11.06
C GLU A 550 30.10 13.06 -10.25
N ARG A 551 30.87 13.13 -9.17
CA ARG A 551 31.09 11.97 -8.32
C ARG A 551 29.89 11.61 -7.47
N CYS A 552 29.26 12.62 -6.91
CA CYS A 552 28.02 12.41 -6.17
C CYS A 552 26.98 11.73 -7.07
N ILE A 553 26.86 12.15 -8.31
CA ILE A 553 25.83 11.59 -9.20
C ILE A 553 26.23 10.18 -9.64
N ASP A 554 27.46 10.01 -10.08
CA ASP A 554 28.02 8.64 -10.38
C ASP A 554 27.79 7.64 -9.29
N TRP A 555 28.03 8.03 -8.06
CA TRP A 555 27.77 7.18 -6.93
C TRP A 555 26.30 6.64 -6.93
N ASN A 556 25.31 7.53 -7.05
CA ASN A 556 23.90 7.16 -7.20
C ASN A 556 23.63 6.33 -8.49
N ARG A 557 24.34 6.67 -9.57
CA ARG A 557 24.21 5.94 -10.81
C ARG A 557 24.41 4.47 -10.56
N GLU A 558 25.47 4.13 -9.83
CA GLU A 558 25.84 2.74 -9.63
C GLU A 558 24.90 2.05 -8.64
N LEU A 559 24.52 2.83 -7.65
CA LEU A 559 23.53 2.44 -6.68
C LEU A 559 22.21 2.07 -7.38
N LEU A 560 21.75 2.92 -8.26
CA LEU A 560 20.54 2.63 -9.04
C LEU A 560 20.76 1.45 -9.94
N LYS A 561 21.93 1.34 -10.55
CA LYS A 561 22.19 0.20 -11.46
C LYS A 561 22.07 -1.12 -10.69
N ARG A 562 22.65 -1.15 -9.48
CA ARG A 562 22.55 -2.30 -8.61
C ARG A 562 21.12 -2.58 -8.10
N GLU A 563 20.48 -1.60 -7.49
CA GLU A 563 19.21 -1.81 -6.79
C GLU A 563 17.95 -1.86 -7.68
N LEU A 564 18.08 -1.40 -8.93
CA LEU A 564 17.04 -1.48 -9.94
C LEU A 564 17.38 -2.39 -11.14
N GLY A 565 18.58 -2.97 -11.15
CA GLY A 565 18.96 -3.86 -12.25
C GLY A 565 19.08 -3.17 -13.60
N LEU A 566 19.50 -1.90 -13.59
CA LEU A 566 19.60 -1.12 -14.80
C LEU A 566 20.93 -1.39 -15.47
N ALA A 567 20.89 -1.34 -16.80
CA ALA A 567 22.10 -1.28 -17.61
C ALA A 567 22.31 0.16 -18.18
N GLU A 568 23.50 0.41 -18.72
CA GLU A 568 23.80 1.70 -19.29
C GLU A 568 22.79 2.07 -20.34
N SER A 569 22.28 1.09 -21.09
CA SER A 569 21.29 1.39 -22.12
C SER A 569 19.91 1.75 -21.55
N ASP A 570 19.73 1.59 -20.23
CA ASP A 570 18.55 2.17 -19.60
C ASP A 570 18.68 3.63 -19.25
N ILE A 571 19.87 4.21 -19.35
CA ILE A 571 20.11 5.51 -18.77
C ILE A 571 20.45 6.56 -19.83
N ILE A 572 19.91 7.76 -19.68
CA ILE A 572 20.30 8.85 -20.54
C ILE A 572 20.76 9.98 -19.64
N ASP A 573 21.91 10.56 -19.98
CA ASP A 573 22.48 11.73 -19.30
C ASP A 573 21.97 13.01 -19.94
N ILE A 574 21.47 13.89 -19.10
CA ILE A 574 20.99 15.19 -19.48
C ILE A 574 22.11 16.20 -19.14
N PRO A 575 22.53 17.05 -20.11
CA PRO A 575 23.60 18.01 -19.90
C PRO A 575 23.21 19.08 -18.88
N GLN A 576 23.97 19.17 -17.78
CA GLN A 576 23.58 19.99 -16.64
C GLN A 576 24.75 20.41 -15.79
N LEU A 577 24.86 21.71 -15.55
CA LEU A 577 25.90 22.25 -14.70
C LEU A 577 25.38 22.66 -13.36
N PHE A 578 26.30 22.55 -12.39
CA PHE A 578 26.07 22.92 -11.01
C PHE A 578 27.17 23.86 -10.53
N LYS A 579 26.93 24.46 -9.37
CA LYS A 579 27.93 25.18 -8.59
C LYS A 579 27.74 24.95 -7.10
N LEU A 580 28.81 25.03 -6.33
CA LEU A 580 28.72 24.88 -4.88
C LEU A 580 28.62 26.23 -4.23
N LYS A 581 27.86 26.31 -3.15
CA LYS A 581 27.55 27.58 -2.49
C LYS A 581 27.71 27.44 -0.98
N GLU A 582 26.69 27.77 -0.19
CA GLU A 582 26.80 27.78 1.26
C GLU A 582 26.92 26.33 1.71
N PHE A 583 27.92 26.09 2.57
CA PHE A 583 28.30 24.76 3.08
C PHE A 583 28.70 23.84 1.95
N SER A 584 29.24 24.43 0.87
CA SER A 584 29.71 23.64 -0.23
C SER A 584 28.61 22.68 -0.83
N LYS A 585 27.34 23.04 -0.65
CA LYS A 585 26.24 22.34 -1.25
C LYS A 585 25.92 22.82 -2.65
N ALA A 586 25.44 21.90 -3.47
CA ALA A 586 25.28 22.09 -4.92
C ALA A 586 23.97 22.73 -5.26
N GLU A 587 24.01 23.65 -6.24
CA GLU A 587 22.82 24.29 -6.83
C GLU A 587 23.00 24.22 -8.32
N ALA A 588 21.88 24.37 -9.01
CA ALA A 588 21.85 24.37 -10.46
C ALA A 588 22.48 25.69 -11.00
N PHE A 589 23.33 25.54 -12.01
CA PHE A 589 24.12 26.64 -12.53
C PHE A 589 23.21 27.40 -13.50
N PHE A 590 22.50 26.62 -14.33
CA PHE A 590 21.37 27.10 -15.12
C PHE A 590 20.19 26.20 -14.80
N PRO A 591 18.98 26.56 -15.24
CA PRO A 591 17.80 25.81 -14.85
C PRO A 591 17.91 24.34 -15.05
N ASN A 592 17.53 23.61 -13.99
CA ASN A 592 17.81 22.19 -13.84
C ASN A 592 16.82 21.40 -14.66
N MET A 593 17.21 21.04 -15.87
CA MET A 593 16.31 20.45 -16.84
C MET A 593 15.74 19.09 -16.49
N VAL A 594 16.48 18.31 -15.69
CA VAL A 594 16.03 16.99 -15.20
C VAL A 594 14.82 17.13 -14.28
N ASN A 595 14.65 18.29 -13.67
CA ASN A 595 13.54 18.58 -12.78
C ASN A 595 12.31 18.98 -13.60
N MET A 596 11.77 18.00 -14.34
CA MET A 596 10.76 18.19 -15.38
C MET A 596 9.41 17.59 -15.02
N LEU A 597 8.38 18.10 -15.68
CA LEU A 597 7.04 17.54 -15.55
C LEU A 597 6.73 16.52 -16.69
N VAL A 598 6.55 15.26 -16.31
CA VAL A 598 6.38 14.17 -17.24
C VAL A 598 4.88 13.78 -17.33
N LEU A 599 4.20 14.22 -18.40
CA LEU A 599 2.77 13.89 -18.60
C LEU A 599 2.60 13.00 -19.83
N GLY A 600 2.86 11.72 -19.66
CA GLY A 600 3.01 10.78 -20.75
C GLY A 600 4.16 11.18 -21.66
N LYS A 601 3.88 11.25 -22.96
CA LYS A 601 4.89 11.67 -23.93
C LYS A 601 5.15 13.19 -23.92
N HIS A 602 4.35 13.96 -23.17
CA HIS A 602 4.53 15.40 -23.09
C HIS A 602 5.37 15.82 -21.90
N LEU A 603 6.53 16.42 -22.15
CA LEU A 603 7.46 16.81 -21.13
C LEU A 603 7.47 18.32 -20.91
N GLY A 604 7.47 18.75 -19.67
CA GLY A 604 7.59 20.17 -19.35
C GLY A 604 8.94 20.42 -18.68
N ILE A 605 9.91 20.76 -19.51
CA ILE A 605 11.31 20.84 -19.17
C ILE A 605 11.66 22.28 -18.91
N PRO A 606 12.38 22.56 -17.83
CA PRO A 606 12.84 23.93 -17.54
C PRO A 606 13.71 24.49 -18.65
N LYS A 607 13.55 25.77 -18.92
CA LYS A 607 14.19 26.39 -20.06
C LYS A 607 15.59 26.85 -19.62
N PRO A 608 16.62 26.22 -20.22
CA PRO A 608 17.96 26.47 -19.72
C PRO A 608 18.49 27.85 -20.05
N PHE A 609 17.99 28.42 -21.15
CA PHE A 609 18.50 29.66 -21.71
C PHE A 609 19.99 29.50 -22.06
N GLY A 610 20.27 28.48 -22.86
CA GLY A 610 21.61 28.15 -23.22
C GLY A 610 22.11 29.00 -24.37
N PRO A 611 23.38 28.82 -24.75
CA PRO A 611 23.93 29.62 -25.86
C PRO A 611 23.24 29.31 -27.18
N VAL A 612 22.78 30.36 -27.86
CA VAL A 612 22.04 30.20 -29.08
C VAL A 612 23.05 30.06 -30.24
N ILE A 613 22.85 29.01 -31.00
CA ILE A 613 23.75 28.65 -32.04
C ILE A 613 22.87 28.15 -33.16
N ASN A 614 23.00 28.76 -34.33
CA ASN A 614 22.24 28.32 -35.48
C ASN A 614 20.74 28.39 -35.21
N GLY A 615 20.31 29.46 -34.56
CA GLY A 615 18.92 29.70 -34.34
C GLY A 615 18.35 29.11 -33.07
N ARG A 616 19.12 28.29 -32.37
CA ARG A 616 18.56 27.59 -31.23
C ARG A 616 19.46 27.38 -30.02
N CYS A 617 18.87 27.52 -28.82
CA CYS A 617 19.49 27.04 -27.60
C CYS A 617 20.08 25.64 -27.81
N CYS A 618 21.41 25.51 -27.70
CA CYS A 618 22.08 24.24 -27.93
C CYS A 618 21.78 23.22 -26.83
N LEU A 619 21.42 23.70 -25.63
CA LEU A 619 20.98 22.78 -24.59
C LEU A 619 19.65 22.12 -24.97
N GLU A 620 18.67 22.95 -25.33
CA GLU A 620 17.34 22.47 -25.76
C GLU A 620 17.53 21.53 -26.92
N GLU A 621 18.35 21.93 -27.88
CA GLU A 621 18.62 21.05 -29.01
C GLU A 621 19.23 19.72 -28.62
N LYS A 622 20.19 19.74 -27.68
CA LYS A 622 20.84 18.49 -27.26
C LYS A 622 19.79 17.60 -26.56
N VAL A 623 18.95 18.21 -25.74
CA VAL A 623 17.93 17.42 -25.02
C VAL A 623 16.93 16.78 -25.98
N CYS A 624 16.37 17.60 -26.88
CA CYS A 624 15.45 17.11 -27.93
C CYS A 624 16.06 15.99 -28.70
N SER A 625 17.38 16.07 -28.98
CA SER A 625 18.05 15.02 -29.79
C SER A 625 18.10 13.69 -29.06
N LEU A 626 18.09 13.77 -27.73
CA LEU A 626 18.13 12.58 -26.88
C LEU A 626 16.73 12.05 -26.56
N LEU A 627 15.73 12.93 -26.47
CA LEU A 627 14.37 12.50 -26.07
C LEU A 627 13.35 12.27 -27.22
N GLU A 628 13.46 13.02 -28.32
CA GLU A 628 12.51 12.89 -29.42
C GLU A 628 12.49 11.53 -30.12
N PRO A 629 13.64 10.86 -30.32
CA PRO A 629 13.63 9.47 -30.77
C PRO A 629 12.88 8.47 -29.89
N LEU A 630 12.49 8.84 -28.67
CA LEU A 630 11.69 7.95 -27.84
C LEU A 630 10.20 8.29 -27.93
N GLY A 631 9.84 9.17 -28.86
CA GLY A 631 8.44 9.61 -29.03
C GLY A 631 8.05 10.76 -28.11
N LEU A 632 9.03 11.30 -27.39
CA LEU A 632 8.73 12.28 -26.43
C LEU A 632 8.73 13.64 -27.06
N GLN A 633 7.86 14.52 -26.55
CA GLN A 633 7.76 15.91 -27.02
C GLN A 633 8.22 16.80 -25.90
N CYS A 634 9.19 17.66 -26.17
CA CYS A 634 9.76 18.52 -25.17
C CYS A 634 9.29 19.93 -25.32
N THR A 635 8.65 20.44 -24.30
CA THR A 635 8.24 21.82 -24.26
C THR A 635 9.07 22.43 -23.18
N PHE A 636 9.70 23.57 -23.49
CA PHE A 636 10.62 24.20 -22.58
C PHE A 636 9.91 25.40 -21.95
N ILE A 637 9.79 25.39 -20.64
CA ILE A 637 9.03 26.35 -19.93
C ILE A 637 9.92 27.32 -19.14
N ASN A 638 9.57 28.60 -19.21
CA ASN A 638 10.38 29.60 -18.62
C ASN A 638 9.99 29.76 -17.18
N ASP A 639 10.95 29.53 -16.29
CA ASP A 639 10.65 29.49 -14.87
C ASP A 639 11.70 30.27 -14.14
N PHE A 640 12.38 31.14 -14.86
CA PHE A 640 13.65 31.68 -14.38
C PHE A 640 13.56 32.57 -13.13
N PHE A 641 12.75 33.63 -13.20
CA PHE A 641 12.59 34.61 -12.08
C PHE A 641 11.48 34.21 -11.12
N THR A 642 10.66 33.27 -11.56
CA THR A 642 9.54 32.71 -10.79
C THR A 642 9.98 31.56 -9.84
N TYR A 643 10.77 30.60 -10.35
CA TYR A 643 11.16 29.36 -9.65
C TYR A 643 12.67 29.18 -9.48
N HIS A 644 13.39 29.25 -10.60
CA HIS A 644 14.80 28.88 -10.65
C HIS A 644 15.63 29.67 -9.67
N ILE A 645 15.38 30.99 -9.58
CA ILE A 645 16.14 31.87 -8.65
C ILE A 645 15.73 31.67 -7.18
N ARG A 646 14.58 31.04 -6.94
CA ARG A 646 14.29 30.50 -5.62
C ARG A 646 14.64 28.97 -5.47
N HIS A 647 15.58 28.49 -6.28
CA HIS A 647 16.27 27.22 -6.06
C HIS A 647 15.36 26.01 -6.27
N GLY A 648 14.39 26.12 -7.19
CA GLY A 648 13.65 24.95 -7.67
C GLY A 648 13.22 25.16 -9.10
N GLU A 649 12.64 24.14 -9.74
CA GLU A 649 12.15 24.24 -11.14
C GLU A 649 10.68 23.79 -11.33
N VAL A 650 10.36 23.29 -12.52
CA VAL A 650 9.00 22.97 -12.94
C VAL A 650 8.50 21.82 -12.08
N HIS A 651 9.31 20.78 -11.92
CA HIS A 651 8.89 19.63 -11.10
C HIS A 651 8.61 20.02 -9.65
N CYS A 652 9.47 20.87 -9.10
CA CYS A 652 9.28 21.36 -7.75
C CYS A 652 8.03 22.23 -7.53
N GLY A 653 7.55 22.88 -8.59
CA GLY A 653 6.39 23.78 -8.54
C GLY A 653 5.07 23.10 -8.89
N THR A 654 5.12 21.80 -9.21
CA THR A 654 3.95 20.99 -9.62
C THR A 654 3.81 19.63 -8.92
N ASN A 655 2.67 18.96 -9.15
CA ASN A 655 2.43 17.61 -8.69
C ASN A 655 1.42 16.87 -9.58
N VAL A 656 1.39 15.55 -9.54
CA VAL A 656 0.56 14.78 -10.49
C VAL A 656 -0.06 13.60 -9.76
N ARG A 657 -1.35 13.36 -10.02
CA ARG A 657 -1.97 12.12 -9.68
C ARG A 657 -1.98 11.29 -10.91
N ARG A 658 -1.72 10.00 -10.76
CA ARG A 658 -1.59 9.14 -11.88
C ARG A 658 -2.36 7.86 -11.65
N LYS A 659 -2.56 7.17 -12.76
CA LYS A 659 -3.29 5.93 -12.81
C LYS A 659 -2.58 4.83 -11.99
N PRO A 660 -3.30 4.19 -11.06
CA PRO A 660 -2.76 3.08 -10.32
C PRO A 660 -2.34 1.92 -11.19
N PHE A 661 -1.38 1.13 -10.74
CA PHE A 661 -0.95 0.00 -11.53
C PHE A 661 -2.12 -0.94 -11.64
N SER A 662 -2.11 -1.80 -12.64
CA SER A 662 -3.16 -2.78 -12.87
C SER A 662 -2.76 -4.05 -12.19
N PHE A 663 -1.47 -4.31 -12.15
CA PHE A 663 -0.97 -5.38 -11.31
C PHE A 663 -1.47 -5.21 -9.85
N LYS A 664 -2.06 -6.28 -9.29
CA LYS A 664 -2.62 -6.22 -7.93
C LYS A 664 -1.54 -6.47 -6.88
N TRP A 665 -1.36 -5.51 -5.95
CA TRP A 665 -0.27 -5.60 -5.00
C TRP A 665 -0.14 -6.98 -4.24
N TRP A 666 -1.27 -7.59 -3.93
CA TRP A 666 -1.30 -8.83 -3.13
C TRP A 666 -0.72 -10.03 -3.89
N ASN A 667 -0.66 -9.91 -5.22
CA ASN A 667 0.00 -10.91 -6.05
C ASN A 667 1.54 -10.87 -6.08
N MET A 668 2.14 -9.84 -5.53
CA MET A 668 3.59 -9.80 -5.38
C MET A 668 3.95 -10.82 -4.32
N VAL A 669 5.16 -11.38 -4.34
CA VAL A 669 5.72 -12.04 -3.15
C VAL A 669 6.89 -11.23 -2.58
N PRO A 670 6.61 -10.22 -1.71
CA PRO A 670 7.69 -9.34 -1.27
C PRO A 670 8.84 -10.08 -0.59
S SO4 B . 17.22 21.88 6.09
O1 SO4 B . 17.40 21.23 4.76
O2 SO4 B . 18.41 22.73 6.29
O3 SO4 B . 15.98 22.69 6.11
O4 SO4 B . 17.12 20.87 7.17
CA CA C . 7.70 13.44 -5.21
CA CA D . 1.79 18.75 5.91
CA CA E . -15.21 6.31 3.16
CA CA F . -15.23 6.26 -0.66
CA CA G . -17.54 6.62 10.21
C27 8FQ H . 14.94 31.24 -1.83
C33 8FQ H . 15.21 24.49 3.08
C28 8FQ H . 14.35 29.99 -1.66
C26 8FQ H . 14.14 32.37 -1.87
C32 8FQ H . 15.50 25.10 1.88
C34 8FQ H . 13.93 24.03 3.36
C20 8FQ H . 12.19 30.95 -1.56
C19 8FQ H . 12.98 29.81 -1.54
C25 8FQ H . 12.78 32.20 -1.73
C4 8FQ H . 13.15 24.73 1.24
C31 8FQ H . 14.44 25.20 1.00
C3 8FQ H . 12.87 24.13 2.46
C6 8FQ H . 13.04 25.57 -0.70
C21 8FQ H . 10.72 31.14 -1.46
C17 8FQ H . 12.45 28.43 -1.33
C13 8FQ H . 11.97 20.85 -5.01
C24 8FQ H . 11.76 33.26 -1.74
C14 8FQ H . 12.88 21.06 -6.20
C30 8FQ H . 15.49 26.35 -0.93
C1 8FQ H . 11.25 23.06 3.87
C10 8FQ H . 12.07 23.95 -3.13
C9 8FQ H . 12.95 25.16 -3.10
C11 8FQ H . 12.48 23.10 -4.29
C7 8FQ H . 12.53 26.04 -1.98
N5 8FQ H . 12.29 24.96 0.19
N15 8FQ H . 11.26 19.77 -4.91
N29 8FQ H . 14.34 25.73 -0.26
N23 8FQ H . 10.55 32.51 -1.41
N16 8FQ H . 12.90 27.44 -2.21
N12 8FQ H . 11.88 21.82 -4.07
O22 8FQ H . 9.84 30.28 -1.47
O18 8FQ H . 11.66 28.26 -0.39
O2 8FQ H . 11.53 23.70 2.62
S SO4 I . 36.34 37.84 -23.12
O1 SO4 I . 36.44 39.17 -22.47
O2 SO4 I . 36.51 37.81 -24.60
O3 SO4 I . 34.97 37.45 -22.76
O4 SO4 I . 37.41 36.93 -22.57
#